data_6KQY
#
_entry.id   6KQY
#
_cell.length_a   123.744
_cell.length_b   123.744
_cell.length_c   536.440
_cell.angle_alpha   90.000
_cell.angle_beta   90.000
_cell.angle_gamma   120.000
#
_symmetry.space_group_name_H-M   'P 65 2 2'
#
loop_
_entity.id
_entity.type
_entity.pdbx_description
1 polymer 'Leucine--tRNA ligase, cytoplasmic'
2 non-polymer LEUCINE
3 non-polymer 'PHOSPHATE ION'
4 water water
#
_entity_poly.entity_id   1
_entity_poly.type   'polypeptide(L)'
_entity_poly.pdbx_seq_one_letter_code
;MRGSHHHHHHGSMAERKGTAKVDFLKKIEKEIQQKWDTERVFEVNASNLEKQTSKGKYFVTFPYPYMNGRLHLGHTFSLS
KCEFAVGYQRLKGKCCLFPFGLHCTGMPIKACADKLKREIELYGCPPDFPDEEEEEEETSVKTEDIIIKDKAKGKKSKAA
AKAGSSKYQWGIMKSLGLSDEEIVKFSEAEHWLDYFPPLAIQDLKRMGLKVDWRRSFITTDVNPYYDSFVRWQFLTLRER
NKIKFGKRYTIYSPKDGQPCMDHDRQTGEGVGPQEYTLLKLKVLEPYPSKLSGLKGKNIFLVAATLRPETMFGQTNCWVR
PDMKYIGFETVNGDIFICTQKAARNMSYQGFTKDNGVVPVVKELMGEEILGASLSAPLTSYKVIYVLPMLTIKEDKGTGV
VTSVPSDSPDDIAALRDLKKKQALRAKYGIRDDMVLPFEPVPVIEIPGFGNLSAVTICDELKIQSQNDREKLAEAKEKIY
LKGFYEGIMLVDGFKGQKVQDVKKTIQKKMIDAGDALIYMEPEKQVMSRSSDECVVALCDQWYLDYGEENWKKQTSQCLK
NLETFCEETRRNFEATLGWLQEHACSRTYGLGTHLPWDEQWLIESLSDSTIYMAFYTVAHLLQGGNLHGQAESPLGIRPQ
QMTKEVWDYVFFKEAPFPKTQIAKEKLDQLKQEFEFWYPVDLRVSGKDLVPNHLSYYLYNHVAMWPEQSDKWPTAVRANG
HLLLNSEKMSKSTGNFLTLTQAIDKFSADGMRLALADAGDTVEDANFVEAMADAGILRLYTWVEWVKEMVANWDSLRSGP
ASTFNDRVFASELNAGIIKTDQNYEKMMFKEALKTGFFEFQAAKDKYRELAVEGMHRELVFRFIEVQTLLLAPFCPHLCE
HIWTLLGKPDSIMNASWPVAGPVNEVLIHSSQYLMEVTHDLRLRLKNYMMPAKGKKTDKQPLQKPSHCTIYVAKNYPPWQ
HTTLSVLRKHFEANNGKLPDNKVIASELGSMPELKKYMKKVMPFVAMIKENLEKMGPRILDLQLEFDEKAVLMENIVYLT
NSLELEHIEVKFASEAEDKIREDCCPGKPLNVFRIEPGVSVSLVNPQPSNGHFSTKIEIRQGDNCDSIIRRLMKMNRGIK
DLSKVKLMRFDDPLLGPRRVPVLGKEYTEKTPISEHAVFNVDLMSKKIHLTENGIRVDIGDTIIYLVH
;
_entity_poly.pdbx_strand_id   A
#
# COMPACT_ATOMS: atom_id res chain seq x y z
N THR A 19 -36.20 -0.33 1.19
CA THR A 19 -35.28 0.79 1.45
C THR A 19 -35.28 1.30 2.91
N ALA A 20 -36.38 1.04 3.63
CA ALA A 20 -36.43 1.35 5.06
C ALA A 20 -35.42 0.50 5.83
N LYS A 21 -35.07 -0.65 5.25
CA LYS A 21 -33.94 -1.46 5.70
C LYS A 21 -32.72 -0.63 6.11
N VAL A 22 -32.34 0.35 5.29
CA VAL A 22 -31.18 1.17 5.65
C VAL A 22 -31.47 1.96 6.92
N ASP A 23 -32.68 2.51 7.01
CA ASP A 23 -33.01 3.33 8.16
C ASP A 23 -33.04 2.50 9.43
N PHE A 24 -33.79 1.40 9.44
CA PHE A 24 -33.95 0.61 10.66
C PHE A 24 -32.60 0.41 11.34
N LEU A 25 -31.59 0.06 10.54
CA LEU A 25 -30.24 -0.01 11.04
C LEU A 25 -29.80 1.35 11.55
N LYS A 26 -30.03 2.40 10.75
CA LYS A 26 -29.52 3.72 11.11
C LYS A 26 -30.09 4.20 12.44
N LYS A 27 -31.30 3.77 12.80
CA LYS A 27 -31.86 4.15 14.09
C LYS A 27 -31.15 3.41 15.23
N ILE A 28 -31.17 2.07 15.20
CA ILE A 28 -30.58 1.33 16.31
C ILE A 28 -29.06 1.50 16.39
N GLU A 29 -28.40 1.86 15.28
CA GLU A 29 -26.99 2.20 15.35
C GLU A 29 -26.76 3.42 16.24
N LYS A 30 -27.56 4.48 16.08
CA LYS A 30 -27.43 5.63 16.97
C LYS A 30 -28.07 5.37 18.33
N GLU A 31 -29.04 4.47 18.40
CA GLU A 31 -29.56 3.99 19.68
C GLU A 31 -28.45 3.31 20.48
N ILE A 32 -27.98 2.14 20.00
CA ILE A 32 -26.96 1.37 20.69
C ILE A 32 -25.67 2.17 20.82
N GLN A 33 -25.52 3.24 20.03
CA GLN A 33 -24.36 4.11 20.21
C GLN A 33 -24.52 4.96 21.47
N GLN A 34 -25.58 5.79 21.54
CA GLN A 34 -25.87 6.57 22.75
C GLN A 34 -26.26 5.72 23.95
N LYS A 35 -26.30 4.39 23.80
CA LYS A 35 -26.18 3.51 24.95
C LYS A 35 -24.71 3.22 25.25
N TRP A 36 -23.98 2.68 24.26
CA TRP A 36 -22.55 2.43 24.42
C TRP A 36 -21.82 3.63 25.02
N ASP A 37 -22.01 4.81 24.40
CA ASP A 37 -21.23 6.01 24.74
C ASP A 37 -21.62 6.55 26.10
N THR A 38 -22.91 6.57 26.41
CA THR A 38 -23.27 6.97 27.76
C THR A 38 -22.90 5.88 28.75
N GLU A 39 -22.70 4.63 28.27
CA GLU A 39 -22.18 3.56 29.11
C GLU A 39 -20.67 3.60 29.26
N ARG A 40 -19.97 4.24 28.32
CA ARG A 40 -18.52 4.38 28.35
C ARG A 40 -17.85 3.00 28.39
N VAL A 41 -18.05 2.27 27.29
CA VAL A 41 -17.74 0.85 27.25
C VAL A 41 -16.28 0.59 26.89
N PHE A 42 -15.64 1.51 26.16
CA PHE A 42 -14.32 1.27 25.60
C PHE A 42 -13.21 1.98 26.33
N GLU A 43 -13.54 2.66 27.44
CA GLU A 43 -12.54 3.41 28.18
C GLU A 43 -11.68 2.43 28.94
N VAL A 44 -10.72 1.85 28.22
CA VAL A 44 -9.79 0.87 28.79
C VAL A 44 -8.72 1.62 29.60
N ASN A 45 -8.81 1.55 30.92
CA ASN A 45 -7.82 2.17 31.79
C ASN A 45 -6.85 1.10 32.29
N ALA A 46 -5.68 1.56 32.71
CA ALA A 46 -4.56 0.65 32.96
C ALA A 46 -4.24 0.50 34.43
N SER A 47 -4.92 1.26 35.30
CA SER A 47 -4.87 1.03 36.74
C SER A 47 -5.94 0.04 37.18
N ASN A 48 -7.12 0.09 36.54
CA ASN A 48 -8.26 -0.77 36.88
C ASN A 48 -8.28 -2.09 36.12
N LEU A 49 -7.68 -2.14 34.93
CA LEU A 49 -7.63 -3.36 34.13
C LEU A 49 -6.20 -3.92 34.01
N GLU A 50 -5.27 -3.52 34.91
CA GLU A 50 -3.98 -4.21 35.06
C GLU A 50 -3.96 -5.17 36.24
N LYS A 51 -4.68 -4.86 37.32
CA LYS A 51 -4.78 -5.77 38.45
C LYS A 51 -5.35 -7.12 38.02
N GLN A 52 -6.34 -7.11 37.14
CA GLN A 52 -6.84 -8.35 36.53
C GLN A 52 -5.76 -8.91 35.59
N THR A 53 -5.08 -9.97 36.04
CA THR A 53 -4.12 -10.71 35.22
C THR A 53 -4.85 -11.58 34.20
N SER A 54 -5.16 -11.05 33.00
CA SER A 54 -6.06 -11.81 32.13
C SER A 54 -5.37 -12.68 31.08
N LYS A 55 -4.85 -12.07 30.01
CA LYS A 55 -4.19 -12.86 28.97
C LYS A 55 -2.97 -12.17 28.38
N GLY A 56 -2.92 -10.83 28.41
CA GLY A 56 -1.99 -10.03 27.64
C GLY A 56 -2.75 -8.99 26.83
N LYS A 57 -2.09 -7.84 26.60
CA LYS A 57 -2.67 -6.64 25.97
C LYS A 57 -2.94 -6.85 24.48
N TYR A 58 -3.59 -5.85 23.86
CA TYR A 58 -3.64 -5.75 22.40
C TYR A 58 -3.82 -4.31 21.99
N PHE A 59 -2.81 -3.77 21.31
CA PHE A 59 -2.63 -2.34 21.09
C PHE A 59 -2.69 -2.13 19.58
N VAL A 60 -3.61 -1.27 19.14
CA VAL A 60 -3.85 -1.04 17.71
C VAL A 60 -3.89 0.47 17.45
N THR A 61 -2.96 0.91 16.63
CA THR A 61 -2.67 2.30 16.39
C THR A 61 -2.83 2.52 14.89
N PHE A 62 -3.39 3.67 14.53
CA PHE A 62 -3.64 4.02 13.15
C PHE A 62 -2.75 5.20 12.77
N PRO A 63 -2.30 5.27 11.49
CA PRO A 63 -1.63 6.47 11.00
C PRO A 63 -2.56 7.65 10.89
N TYR A 64 -2.59 8.45 11.97
CA TYR A 64 -3.59 9.47 12.18
C TYR A 64 -3.66 10.44 10.99
N PRO A 65 -4.81 10.60 10.35
CA PRO A 65 -4.86 11.31 9.08
C PRO A 65 -4.84 12.79 9.37
N TYR A 66 -4.61 13.57 8.32
CA TYR A 66 -4.64 15.00 8.55
C TYR A 66 -6.06 15.42 8.83
N MET A 67 -6.21 16.64 9.31
CA MET A 67 -7.51 17.29 9.25
C MET A 67 -7.60 18.20 8.04
N ASN A 68 -6.95 17.83 6.95
CA ASN A 68 -7.08 18.62 5.75
C ASN A 68 -8.39 18.37 5.05
N GLY A 69 -9.34 17.74 5.70
CA GLY A 69 -10.60 17.45 5.06
C GLY A 69 -11.24 16.20 5.60
N ARG A 70 -12.58 16.16 5.44
CA ARG A 70 -13.42 15.05 5.88
C ARG A 70 -12.76 13.74 5.50
N LEU A 71 -12.99 12.73 6.34
CA LEU A 71 -12.35 11.43 6.17
C LEU A 71 -12.99 10.64 5.05
N HIS A 72 -12.18 9.80 4.39
CA HIS A 72 -12.64 9.11 3.19
C HIS A 72 -12.55 7.59 3.33
N LEU A 73 -13.24 6.87 2.41
CA LEU A 73 -13.18 5.40 2.40
C LEU A 73 -11.77 4.86 2.42
N GLY A 74 -10.86 5.48 1.66
CA GLY A 74 -9.47 5.04 1.64
C GLY A 74 -8.81 5.05 3.02
N HIS A 75 -9.35 5.85 3.94
CA HIS A 75 -8.95 5.78 5.35
C HIS A 75 -9.71 4.71 6.10
N THR A 76 -10.98 4.50 5.75
CA THR A 76 -11.80 3.57 6.51
C THR A 76 -11.34 2.15 6.24
N PHE A 77 -11.14 1.81 4.97
CA PHE A 77 -10.54 0.51 4.68
C PHE A 77 -9.13 0.41 5.25
N SER A 78 -8.31 1.48 5.16
CA SER A 78 -6.98 1.40 5.76
C SER A 78 -7.04 1.10 7.25
N LEU A 79 -8.18 1.35 7.89
CA LEU A 79 -8.35 1.10 9.32
C LEU A 79 -9.20 -0.10 9.64
N SER A 80 -10.22 -0.39 8.81
CA SER A 80 -11.15 -1.44 9.20
C SER A 80 -10.39 -2.72 9.55
N LYS A 81 -9.21 -2.95 8.94
CA LYS A 81 -8.43 -4.11 9.33
C LYS A 81 -8.09 -4.10 10.81
N CYS A 82 -8.02 -2.92 11.42
CA CYS A 82 -7.76 -3.01 12.85
C CYS A 82 -9.04 -2.93 13.66
N GLU A 83 -10.05 -2.21 13.17
CA GLU A 83 -11.26 -2.02 13.95
C GLU A 83 -11.95 -3.35 14.21
N PHE A 84 -12.08 -4.18 13.17
CA PHE A 84 -12.59 -5.53 13.35
C PHE A 84 -11.66 -6.33 14.27
N ALA A 85 -10.35 -6.33 13.96
CA ALA A 85 -9.34 -7.01 14.77
C ALA A 85 -9.61 -6.90 16.27
N VAL A 86 -9.97 -5.71 16.72
CA VAL A 86 -10.11 -5.51 18.15
C VAL A 86 -11.51 -5.87 18.63
N GLY A 87 -12.53 -5.66 17.79
CA GLY A 87 -13.87 -6.21 18.01
C GLY A 87 -13.92 -7.72 18.00
N TYR A 88 -12.81 -8.37 17.62
CA TYR A 88 -12.57 -9.79 17.78
C TYR A 88 -11.59 -10.08 18.91
N GLN A 89 -10.37 -9.53 18.86
CA GLN A 89 -9.39 -9.85 19.90
C GLN A 89 -9.85 -9.46 21.29
N ARG A 90 -10.98 -8.76 21.41
CA ARG A 90 -11.59 -8.60 22.72
C ARG A 90 -12.47 -9.79 23.06
N LEU A 91 -13.23 -10.29 22.11
CA LEU A 91 -13.97 -11.50 22.34
C LEU A 91 -13.05 -12.73 22.38
N LYS A 92 -11.76 -12.54 22.62
CA LYS A 92 -10.92 -13.66 22.98
C LYS A 92 -10.19 -13.41 24.29
N GLY A 93 -10.58 -12.36 25.03
CA GLY A 93 -10.07 -12.10 26.37
C GLY A 93 -8.89 -11.16 26.44
N LYS A 94 -8.42 -10.64 25.31
CA LYS A 94 -7.31 -9.72 25.33
C LYS A 94 -7.80 -8.28 25.54
N CYS A 95 -6.96 -7.49 26.19
CA CYS A 95 -7.20 -6.06 26.37
C CYS A 95 -7.23 -5.36 25.02
N CYS A 96 -7.80 -4.16 24.97
CA CYS A 96 -7.99 -3.53 23.67
C CYS A 96 -7.90 -2.01 23.78
N LEU A 97 -6.67 -1.49 23.66
CA LEU A 97 -6.42 -0.06 23.49
C LEU A 97 -6.32 0.19 22.00
N PHE A 98 -7.43 0.68 21.41
CA PHE A 98 -7.55 1.23 20.06
C PHE A 98 -7.76 2.73 20.17
N PRO A 99 -6.71 3.51 20.43
CA PRO A 99 -6.84 4.98 20.42
C PRO A 99 -6.67 5.58 19.03
N PHE A 100 -6.90 6.88 18.94
CA PHE A 100 -6.98 7.52 17.64
C PHE A 100 -6.44 8.92 17.69
N GLY A 101 -5.38 9.18 16.91
CA GLY A 101 -4.78 10.50 16.85
C GLY A 101 -5.30 11.34 15.68
N LEU A 102 -4.80 12.57 15.61
CA LEU A 102 -5.34 13.56 14.68
C LEU A 102 -4.25 14.53 14.23
N HIS A 103 -3.70 14.28 13.05
CA HIS A 103 -2.58 15.06 12.53
C HIS A 103 -2.99 16.46 12.11
N CYS A 104 -2.30 17.46 12.65
CA CYS A 104 -2.44 18.82 12.15
C CYS A 104 -1.12 19.45 11.70
N THR A 105 0.01 18.78 11.92
CA THR A 105 1.28 19.32 11.47
C THR A 105 1.31 19.29 9.94
N GLY A 106 2.45 19.67 9.37
CA GLY A 106 2.61 19.65 7.93
C GLY A 106 1.92 20.81 7.26
N MET A 107 2.30 21.14 6.02
CA MET A 107 1.58 22.21 5.36
C MET A 107 0.16 21.84 4.94
N PRO A 108 -0.16 20.59 4.42
CA PRO A 108 -1.37 20.41 3.58
C PRO A 108 -2.64 21.11 4.05
N ILE A 109 -2.71 21.47 5.34
CA ILE A 109 -3.73 22.41 5.82
C ILE A 109 -3.43 23.82 5.30
N LYS A 110 -2.18 24.32 5.46
CA LYS A 110 -1.79 25.66 5.00
C LYS A 110 -1.77 25.77 3.49
N ALA A 111 -2.18 24.73 2.77
CA ALA A 111 -2.07 24.69 1.31
C ALA A 111 -3.41 24.89 0.62
N CYS A 112 -4.44 24.12 1.01
CA CYS A 112 -5.75 24.24 0.36
C CYS A 112 -6.43 25.55 0.69
N ALA A 113 -6.19 26.08 1.89
CA ALA A 113 -6.79 27.34 2.32
C ALA A 113 -5.92 28.54 1.98
N ASP A 114 -4.62 28.33 1.74
CA ASP A 114 -3.84 29.42 1.17
C ASP A 114 -4.21 29.65 -0.29
N LYS A 115 -4.43 28.56 -1.03
CA LYS A 115 -5.08 28.71 -2.32
C LYS A 115 -6.47 29.28 -2.16
N LEU A 116 -7.12 29.06 -1.01
CA LEU A 116 -8.32 29.82 -0.70
C LEU A 116 -7.99 31.30 -0.44
N LYS A 117 -6.88 31.60 0.25
CA LYS A 117 -6.67 33.01 0.63
C LYS A 117 -6.23 33.87 -0.56
N ARG A 118 -5.60 33.28 -1.58
CA ARG A 118 -5.30 34.11 -2.74
C ARG A 118 -6.24 33.88 -3.91
N GLU A 119 -7.06 32.82 -3.90
CA GLU A 119 -8.14 32.79 -4.87
C GLU A 119 -9.38 33.55 -4.38
N ILE A 120 -9.42 33.95 -3.11
CA ILE A 120 -10.37 34.96 -2.70
C ILE A 120 -9.75 36.35 -2.80
N GLU A 121 -8.42 36.44 -2.89
CA GLU A 121 -7.73 37.72 -2.92
C GLU A 121 -7.92 38.44 -4.25
N LEU A 122 -7.38 37.89 -5.36
CA LEU A 122 -7.35 38.71 -6.56
C LEU A 122 -8.67 38.67 -7.33
N TYR A 123 -9.60 37.76 -6.98
CA TYR A 123 -10.93 37.74 -7.55
C TYR A 123 -11.97 37.98 -6.47
N GLY A 124 -13.17 38.34 -6.94
CA GLY A 124 -14.32 38.60 -6.10
C GLY A 124 -14.64 37.45 -5.14
N CYS A 125 -15.69 37.61 -4.35
CA CYS A 125 -15.99 36.68 -3.26
C CYS A 125 -17.39 36.10 -3.44
N PRO A 126 -17.54 34.98 -4.18
CA PRO A 126 -16.54 34.04 -4.76
C PRO A 126 -16.00 34.42 -6.17
N PRO A 127 -15.02 33.67 -6.71
CA PRO A 127 -14.35 34.12 -7.93
C PRO A 127 -15.18 33.90 -9.19
N ASP A 128 -14.81 34.64 -10.24
CA ASP A 128 -15.49 34.61 -11.53
C ASP A 128 -14.58 33.99 -12.59
N PHE A 129 -15.07 32.93 -13.25
CA PHE A 129 -14.38 32.22 -14.31
C PHE A 129 -15.43 31.50 -15.15
N PRO A 130 -15.06 31.03 -16.36
CA PRO A 130 -13.80 31.08 -17.11
C PRO A 130 -13.47 32.47 -17.63
N TYR A 168 -12.02 22.12 -8.54
CA TYR A 168 -11.75 23.49 -8.11
C TYR A 168 -11.57 23.62 -6.59
N GLN A 169 -10.97 24.74 -6.13
CA GLN A 169 -10.46 24.87 -4.76
C GLN A 169 -11.42 25.58 -3.78
N TRP A 170 -11.94 26.77 -4.10
CA TRP A 170 -13.01 27.32 -3.26
C TRP A 170 -14.29 26.53 -3.47
N GLY A 171 -14.59 26.17 -4.72
CA GLY A 171 -15.87 25.64 -5.11
C GLY A 171 -16.24 24.30 -4.49
N ILE A 172 -15.29 23.63 -3.82
CA ILE A 172 -15.67 22.44 -3.07
C ILE A 172 -15.67 22.72 -1.57
N MET A 173 -15.12 23.86 -1.13
CA MET A 173 -15.51 24.40 0.17
C MET A 173 -16.92 25.01 0.17
N LYS A 174 -17.48 25.42 -1.00
CA LYS A 174 -18.91 25.77 -1.02
C LYS A 174 -19.76 24.63 -1.55
N SER A 175 -19.20 23.71 -2.35
CA SER A 175 -19.89 22.46 -2.63
C SER A 175 -19.89 21.51 -1.44
N LEU A 176 -19.05 21.75 -0.42
CA LEU A 176 -19.34 21.15 0.88
C LEU A 176 -20.68 21.61 1.40
N GLY A 177 -21.02 22.88 1.18
CA GLY A 177 -22.39 23.34 1.35
C GLY A 177 -22.56 24.64 2.11
N LEU A 178 -21.47 25.06 2.79
CA LEU A 178 -21.56 26.19 3.70
C LEU A 178 -22.21 27.39 3.02
N SER A 179 -23.21 27.95 3.68
CA SER A 179 -23.68 29.28 3.32
C SER A 179 -22.45 30.15 3.16
N ASP A 180 -22.32 30.77 1.98
CA ASP A 180 -21.09 31.36 1.45
C ASP A 180 -20.21 32.06 2.48
N GLU A 181 -20.84 32.73 3.45
CA GLU A 181 -20.11 33.53 4.44
C GLU A 181 -19.11 32.70 5.25
N GLU A 182 -19.53 31.56 5.78
CA GLU A 182 -18.67 30.83 6.69
C GLU A 182 -17.38 30.42 6.01
N ILE A 183 -17.47 30.05 4.73
CA ILE A 183 -16.39 29.43 3.96
C ILE A 183 -15.09 30.20 4.00
N VAL A 184 -15.14 31.53 4.20
CA VAL A 184 -13.91 32.30 4.05
C VAL A 184 -13.07 32.33 5.33
N LYS A 185 -13.66 32.10 6.52
CA LYS A 185 -12.86 32.16 7.74
C LYS A 185 -11.82 31.03 7.69
N PHE A 186 -11.89 30.20 6.65
CA PHE A 186 -10.97 29.08 6.43
C PHE A 186 -9.57 29.54 6.03
N SER A 187 -9.44 30.64 5.28
CA SER A 187 -8.15 30.95 4.67
C SER A 187 -7.04 31.14 5.72
N GLU A 188 -7.39 31.48 6.96
CA GLU A 188 -6.44 31.34 8.06
C GLU A 188 -6.54 29.94 8.67
N ALA A 189 -5.38 29.37 8.97
CA ALA A 189 -5.33 27.97 9.36
C ALA A 189 -6.12 27.70 10.63
N GLU A 190 -6.14 28.65 11.56
CA GLU A 190 -6.62 28.34 12.90
C GLU A 190 -8.11 27.95 12.95
N HIS A 191 -8.93 28.34 11.96
CA HIS A 191 -10.32 27.86 11.95
C HIS A 191 -10.44 26.47 11.32
N TRP A 192 -9.48 26.09 10.48
CA TRP A 192 -9.44 24.71 10.00
C TRP A 192 -9.38 23.74 11.18
N LEU A 193 -8.58 24.08 12.19
CA LEU A 193 -8.24 23.21 13.31
C LEU A 193 -9.18 23.35 14.48
N ASP A 194 -10.17 24.24 14.40
CA ASP A 194 -11.24 24.35 15.37
C ASP A 194 -12.49 23.62 14.93
N TYR A 195 -12.49 23.09 13.72
CA TYR A 195 -13.71 22.64 13.06
C TYR A 195 -13.64 21.20 12.56
N PHE A 196 -12.48 20.75 12.09
CA PHE A 196 -12.33 19.42 11.52
C PHE A 196 -12.12 18.31 12.53
N PRO A 197 -11.25 18.43 13.51
CA PRO A 197 -11.15 17.37 14.54
C PRO A 197 -12.51 17.04 15.15
N PRO A 198 -13.47 17.99 15.21
CA PRO A 198 -14.85 17.57 15.51
C PRO A 198 -15.43 16.59 14.49
N LEU A 199 -15.63 17.06 13.25
CA LEU A 199 -16.33 16.27 12.24
C LEU A 199 -15.78 14.87 12.18
N ALA A 200 -14.45 14.75 12.33
CA ALA A 200 -13.83 13.44 12.49
C ALA A 200 -14.42 12.67 13.67
N ILE A 201 -14.26 13.17 14.91
CA ILE A 201 -14.70 12.35 16.04
C ILE A 201 -16.22 12.08 16.03
N GLN A 202 -17.03 12.97 15.44
CA GLN A 202 -18.44 12.63 15.33
C GLN A 202 -18.65 11.45 14.38
N ASP A 203 -17.97 11.45 13.22
CA ASP A 203 -18.15 10.40 12.23
C ASP A 203 -17.68 9.04 12.72
N LEU A 204 -16.97 8.99 13.85
CA LEU A 204 -16.51 7.74 14.43
C LEU A 204 -17.41 7.26 15.55
N LYS A 205 -17.81 8.18 16.46
CA LYS A 205 -18.93 7.93 17.37
C LYS A 205 -20.12 7.32 16.61
N ARG A 206 -20.33 7.75 15.36
CA ARG A 206 -21.41 7.25 14.53
C ARG A 206 -21.05 5.99 13.77
N MET A 207 -19.79 5.84 13.35
CA MET A 207 -19.36 4.53 12.90
C MET A 207 -19.30 3.55 14.06
N GLY A 208 -19.22 4.08 15.28
CA GLY A 208 -19.18 3.25 16.46
C GLY A 208 -17.92 2.42 16.47
N LEU A 209 -16.79 3.07 16.73
CA LEU A 209 -15.54 2.36 16.80
C LEU A 209 -15.07 2.30 18.24
N LYS A 210 -14.46 1.15 18.56
CA LYS A 210 -14.05 0.69 19.89
C LYS A 210 -12.78 1.45 20.34
N VAL A 211 -12.99 2.68 20.81
CA VAL A 211 -11.89 3.65 20.98
C VAL A 211 -12.09 4.44 22.28
N ASP A 212 -11.15 4.29 23.21
CA ASP A 212 -11.22 5.11 24.42
C ASP A 212 -11.14 6.58 24.06
N TRP A 213 -12.21 7.33 24.37
CA TRP A 213 -12.30 8.71 23.88
C TRP A 213 -11.18 9.59 24.43
N ARG A 214 -10.92 9.52 25.73
CA ARG A 214 -10.21 10.58 26.42
C ARG A 214 -8.75 10.71 25.99
N ARG A 215 -8.34 9.92 24.99
CA ARG A 215 -6.97 9.82 24.50
C ARG A 215 -6.78 10.33 23.06
N SER A 216 -7.51 11.39 22.67
CA SER A 216 -7.35 12.00 21.35
C SER A 216 -6.87 13.44 21.52
N PHE A 217 -6.42 14.04 20.40
CA PHE A 217 -5.63 15.26 20.53
C PHE A 217 -5.38 15.97 19.19
N ILE A 218 -4.45 16.95 19.21
CA ILE A 218 -3.94 17.66 18.04
C ILE A 218 -2.41 17.80 18.17
N THR A 219 -1.77 17.98 17.02
CA THR A 219 -0.35 17.73 16.86
C THR A 219 0.48 18.93 16.40
N THR A 220 -0.14 20.09 16.16
CA THR A 220 0.62 21.29 15.91
C THR A 220 1.08 21.86 17.25
N ASP A 221 1.64 23.07 17.24
CA ASP A 221 1.83 23.74 18.52
C ASP A 221 0.49 24.10 19.18
N VAL A 222 -0.63 23.98 18.46
CA VAL A 222 -1.93 24.36 19.02
C VAL A 222 -2.14 23.67 20.35
N ASN A 223 -1.90 22.36 20.38
CA ASN A 223 -2.04 21.57 21.59
C ASN A 223 -0.76 21.66 22.40
N PRO A 224 -0.75 22.37 23.53
CA PRO A 224 0.50 22.57 24.26
C PRO A 224 1.07 21.30 24.79
N TYR A 225 0.22 20.30 25.01
CA TYR A 225 0.68 19.08 25.65
C TYR A 225 1.48 18.23 24.66
N TYR A 226 0.88 17.88 23.52
CA TYR A 226 1.61 17.09 22.53
C TYR A 226 2.88 17.79 22.12
N ASP A 227 2.81 19.11 21.96
CA ASP A 227 4.01 19.92 21.75
C ASP A 227 5.08 19.60 22.78
N SER A 228 4.72 19.55 24.07
CA SER A 228 5.66 19.08 25.07
C SER A 228 6.18 17.69 24.69
N PHE A 229 5.30 16.83 24.23
CA PHE A 229 5.74 15.51 23.82
C PHE A 229 6.64 15.58 22.59
N VAL A 230 6.36 16.51 21.67
CA VAL A 230 7.23 16.59 20.51
C VAL A 230 8.58 17.20 20.90
N ARG A 231 8.56 18.24 21.72
CA ARG A 231 9.79 18.90 22.15
C ARG A 231 10.69 17.95 22.89
N TRP A 232 10.12 17.17 23.84
CA TRP A 232 10.94 16.18 24.53
C TRP A 232 11.63 15.27 23.53
N GLN A 233 10.84 14.59 22.70
CA GLN A 233 11.41 13.71 21.69
C GLN A 233 12.68 14.30 21.06
N PHE A 234 12.67 15.59 20.73
CA PHE A 234 13.77 16.17 19.96
C PHE A 234 14.95 16.59 20.84
N LEU A 235 14.68 17.02 22.08
CA LEU A 235 15.78 17.24 23.00
C LEU A 235 16.47 15.93 23.34
N THR A 236 15.70 14.82 23.36
CA THR A 236 16.32 13.50 23.50
C THR A 236 17.04 13.11 22.21
N LEU A 237 16.39 13.32 21.07
CA LEU A 237 17.00 12.89 19.82
C LEU A 237 18.18 13.76 19.45
N ARG A 238 18.31 14.93 20.09
CA ARG A 238 19.51 15.73 19.88
C ARG A 238 20.61 15.30 20.86
N GLU A 239 20.21 14.85 22.04
CA GLU A 239 21.16 14.32 23.02
C GLU A 239 21.92 13.12 22.45
N ARG A 240 21.27 12.31 21.61
CA ARG A 240 21.87 11.08 21.11
C ARG A 240 22.62 11.28 19.82
N ASN A 241 22.88 12.53 19.43
CA ASN A 241 23.63 12.80 18.21
C ASN A 241 23.03 12.01 17.07
N LYS A 242 21.69 12.00 17.05
CA LYS A 242 20.86 11.52 15.95
C LYS A 242 20.37 12.66 15.06
N ILE A 243 20.40 13.90 15.52
CA ILE A 243 20.17 15.06 14.66
C ILE A 243 21.50 15.67 14.27
N LYS A 244 21.50 16.45 13.18
CA LYS A 244 22.67 17.22 12.79
C LYS A 244 22.23 18.43 11.96
N PHE A 245 23.18 19.36 11.75
CA PHE A 245 22.98 20.55 10.93
C PHE A 245 23.93 20.49 9.74
N GLY A 246 23.47 20.99 8.60
CA GLY A 246 24.32 21.02 7.42
C GLY A 246 23.65 21.84 6.34
N LYS A 247 24.42 22.07 5.28
CA LYS A 247 23.97 22.71 4.05
C LYS A 247 23.96 21.61 3.00
N ARG A 248 22.77 21.19 2.56
CA ARG A 248 22.67 19.90 1.88
C ARG A 248 21.67 19.92 0.72
N TYR A 249 21.83 18.97 -0.21
CA TYR A 249 20.97 18.86 -1.38
C TYR A 249 19.63 18.29 -0.99
N THR A 250 18.54 18.93 -1.43
CA THR A 250 17.24 18.41 -1.06
C THR A 250 16.20 18.89 -2.05
N ILE A 251 15.22 18.03 -2.27
CA ILE A 251 14.00 18.41 -2.96
C ILE A 251 13.42 19.62 -2.24
N TYR A 252 13.17 20.70 -2.98
CA TYR A 252 12.91 21.97 -2.34
C TYR A 252 11.85 22.75 -3.08
N SER A 253 10.87 23.26 -2.36
CA SER A 253 9.83 24.04 -3.00
C SER A 253 10.32 25.47 -3.11
N PRO A 254 10.60 25.96 -4.29
CA PRO A 254 10.90 27.38 -4.44
C PRO A 254 9.94 28.19 -3.61
N LYS A 255 8.67 28.11 -4.00
CA LYS A 255 7.63 29.02 -3.57
C LYS A 255 7.24 28.84 -2.12
N ASP A 256 7.76 27.79 -1.45
CA ASP A 256 7.51 27.54 -0.03
C ASP A 256 8.63 28.02 0.91
N GLY A 257 9.88 28.12 0.43
CA GLY A 257 10.97 28.57 1.28
C GLY A 257 11.56 27.53 2.21
N GLN A 258 11.49 26.28 1.82
CA GLN A 258 11.81 25.19 2.72
C GLN A 258 11.86 23.94 1.85
N PRO A 259 12.63 22.93 2.21
CA PRO A 259 12.80 21.77 1.33
C PRO A 259 11.57 20.87 1.42
N CYS A 260 10.77 20.85 0.35
CA CYS A 260 9.50 20.12 0.35
C CYS A 260 9.75 18.68 -0.06
N MET A 261 9.60 17.74 0.87
CA MET A 261 10.04 16.38 0.58
C MET A 261 8.87 15.42 0.36
N ASP A 262 8.15 14.96 1.40
CA ASP A 262 7.40 13.72 1.20
C ASP A 262 5.89 13.89 1.27
N HIS A 263 5.35 14.32 2.40
CA HIS A 263 3.91 14.44 2.56
C HIS A 263 3.42 15.87 2.32
N ASP A 264 4.00 16.52 1.34
CA ASP A 264 3.43 17.79 0.89
C ASP A 264 3.57 17.91 -0.61
N ARG A 265 3.60 16.77 -1.32
CA ARG A 265 3.81 16.67 -2.76
C ARG A 265 2.53 16.30 -3.50
N GLN A 266 2.54 16.56 -4.80
CA GLN A 266 1.51 16.03 -5.68
C GLN A 266 2.01 14.86 -6.51
N THR A 267 3.20 14.98 -7.10
CA THR A 267 3.75 13.90 -7.89
C THR A 267 5.01 13.36 -7.20
N GLY A 268 5.18 12.04 -7.24
CA GLY A 268 6.42 11.42 -6.80
C GLY A 268 6.68 11.35 -5.31
N GLU A 269 5.87 10.59 -4.59
CA GLU A 269 6.03 10.47 -3.14
C GLU A 269 7.47 10.13 -2.75
N GLY A 270 8.11 9.24 -3.51
CA GLY A 270 9.39 8.65 -3.11
C GLY A 270 10.57 9.07 -3.98
N VAL A 271 10.65 10.37 -4.25
CA VAL A 271 11.49 10.93 -5.30
C VAL A 271 12.59 11.79 -4.71
N GLY A 272 13.73 11.79 -5.39
CA GLY A 272 14.88 12.51 -4.92
C GLY A 272 15.67 13.17 -6.05
N PRO A 273 16.75 13.83 -5.67
CA PRO A 273 17.69 14.38 -6.65
C PRO A 273 18.41 13.30 -7.43
N GLN A 274 18.57 13.55 -8.71
CA GLN A 274 19.50 12.79 -9.53
C GLN A 274 20.71 13.67 -9.80
N GLU A 275 21.89 13.08 -9.70
CA GLU A 275 23.15 13.78 -9.96
C GLU A 275 23.56 13.59 -11.41
N TYR A 276 24.08 14.64 -12.03
CA TYR A 276 24.75 14.49 -13.32
C TYR A 276 26.04 15.28 -13.27
N THR A 277 27.03 14.85 -14.05
CA THR A 277 28.14 15.75 -14.31
C THR A 277 27.63 16.81 -15.27
N LEU A 278 28.15 18.02 -15.14
CA LEU A 278 27.86 19.06 -16.10
C LEU A 278 29.15 19.44 -16.80
N LEU A 279 29.13 19.55 -18.14
CA LEU A 279 30.30 20.06 -18.85
C LEU A 279 30.06 21.48 -19.36
N LYS A 280 31.11 22.30 -19.23
CA LYS A 280 31.22 23.59 -19.90
C LYS A 280 31.66 23.33 -21.34
N LEU A 281 31.09 24.08 -22.27
CA LEU A 281 31.42 23.91 -23.68
C LEU A 281 31.79 25.29 -24.21
N LYS A 282 33.07 25.62 -24.22
CA LYS A 282 33.45 26.97 -24.64
C LYS A 282 32.91 27.18 -26.03
N VAL A 283 32.07 28.20 -26.18
CA VAL A 283 31.50 28.58 -27.47
C VAL A 283 32.50 29.51 -28.11
N LEU A 284 33.06 29.11 -29.23
CA LEU A 284 34.02 29.97 -29.88
C LEU A 284 33.30 30.95 -30.79
N GLU A 285 33.83 32.17 -30.87
CA GLU A 285 33.43 33.01 -32.00
C GLU A 285 33.84 32.27 -33.27
N PRO A 286 33.09 32.43 -34.35
CA PRO A 286 31.92 33.28 -34.53
C PRO A 286 30.71 32.82 -33.74
N TYR A 287 30.20 33.62 -32.81
CA TYR A 287 28.92 33.29 -32.19
C TYR A 287 27.83 33.39 -33.26
N PRO A 288 26.75 32.72 -33.07
CA PRO A 288 25.65 32.90 -34.02
C PRO A 288 24.94 34.22 -33.79
N SER A 289 23.96 34.46 -34.67
CA SER A 289 23.36 35.77 -34.83
C SER A 289 22.92 36.39 -33.50
N LYS A 290 22.01 35.73 -32.76
CA LYS A 290 21.33 36.35 -31.61
C LYS A 290 22.25 36.60 -30.42
N LEU A 291 23.47 36.08 -30.43
CA LEU A 291 24.41 36.24 -29.32
C LEU A 291 25.13 37.59 -29.31
N SER A 292 24.65 38.54 -30.11
CA SER A 292 25.46 39.69 -30.47
C SER A 292 26.09 40.41 -29.28
N GLY A 293 25.26 41.06 -28.45
CA GLY A 293 25.75 42.11 -27.57
C GLY A 293 26.85 41.69 -26.65
N LEU A 294 26.88 40.41 -26.30
CA LEU A 294 27.65 39.91 -25.17
C LEU A 294 29.13 39.75 -25.48
N LYS A 295 29.64 40.43 -26.49
CA LYS A 295 31.07 40.47 -26.70
C LYS A 295 31.77 40.88 -25.40
N GLY A 296 32.51 39.95 -24.81
CA GLY A 296 33.20 40.25 -23.56
C GLY A 296 33.28 39.18 -22.48
N LYS A 297 32.46 38.12 -22.50
CA LYS A 297 32.44 37.17 -21.40
C LYS A 297 32.68 35.74 -21.88
N ASN A 298 33.18 34.89 -20.98
CA ASN A 298 33.37 33.48 -21.28
C ASN A 298 32.00 32.80 -21.26
N ILE A 299 31.55 32.29 -22.42
CA ILE A 299 30.26 31.62 -22.48
C ILE A 299 30.49 30.16 -22.73
N PHE A 300 29.81 29.32 -21.95
CA PHE A 300 29.93 27.89 -22.17
C PHE A 300 28.55 27.26 -22.18
N LEU A 301 28.30 26.44 -23.22
CA LEU A 301 27.14 25.58 -23.23
C LEU A 301 27.27 24.52 -22.15
N VAL A 302 26.11 24.20 -21.52
CA VAL A 302 26.04 23.37 -20.33
C VAL A 302 25.14 22.17 -20.60
N ALA A 303 25.68 20.96 -20.40
CA ALA A 303 24.91 19.74 -20.63
C ALA A 303 25.23 18.75 -19.53
N ALA A 304 24.50 17.62 -19.52
CA ALA A 304 24.68 16.61 -18.48
C ALA A 304 24.80 15.22 -19.10
N THR A 305 25.96 14.61 -18.95
CA THR A 305 26.11 13.19 -19.20
C THR A 305 26.35 12.48 -17.88
N LEU A 306 25.95 11.22 -17.84
CA LEU A 306 26.12 10.38 -16.68
C LEU A 306 27.15 9.29 -16.90
N ARG A 307 27.66 9.17 -18.12
CA ARG A 307 28.87 8.43 -18.39
C ARG A 307 29.97 9.47 -18.70
N PRO A 308 30.58 10.12 -17.68
CA PRO A 308 31.65 11.09 -17.99
C PRO A 308 32.93 10.42 -18.41
N GLU A 309 33.13 9.17 -18.05
CA GLU A 309 34.15 8.35 -18.69
C GLU A 309 34.04 8.35 -20.21
N THR A 310 32.88 8.71 -20.75
CA THR A 310 32.66 8.57 -22.18
C THR A 310 33.03 9.83 -22.97
N MET A 311 33.11 10.97 -22.29
CA MET A 311 33.20 12.27 -22.91
C MET A 311 34.46 12.49 -23.74
N PHE A 312 35.48 11.64 -23.59
CA PHE A 312 36.52 11.59 -24.62
C PHE A 312 35.92 11.30 -25.99
N GLY A 313 34.73 10.68 -26.02
CA GLY A 313 34.04 10.34 -27.23
C GLY A 313 33.22 11.46 -27.80
N GLN A 314 33.30 12.63 -27.19
CA GLN A 314 32.60 13.81 -27.70
C GLN A 314 32.97 14.07 -29.13
N THR A 315 31.95 14.28 -29.94
CA THR A 315 32.13 14.61 -31.34
C THR A 315 31.24 15.74 -31.78
N ASN A 316 30.26 16.12 -30.97
CA ASN A 316 29.48 17.34 -31.21
C ASN A 316 28.59 17.55 -29.99
N CYS A 317 27.61 18.42 -30.15
CA CYS A 317 26.75 18.80 -29.04
C CYS A 317 25.31 18.91 -29.54
N TRP A 318 24.39 18.23 -28.83
CA TRP A 318 23.01 18.08 -29.26
C TRP A 318 22.10 19.03 -28.49
N VAL A 319 21.23 19.72 -29.24
CA VAL A 319 20.11 20.51 -28.71
C VAL A 319 18.93 20.31 -29.66
N ARG A 320 17.73 20.65 -29.18
CA ARG A 320 16.52 20.37 -29.94
C ARG A 320 16.01 21.61 -30.64
N PRO A 321 16.07 21.69 -31.96
CA PRO A 321 15.89 22.97 -32.67
C PRO A 321 14.67 23.80 -32.26
N ASP A 322 13.65 23.16 -31.74
CA ASP A 322 12.36 23.79 -31.44
C ASP A 322 12.05 23.80 -29.94
N MET A 323 13.08 23.85 -29.12
CA MET A 323 12.98 24.01 -27.68
C MET A 323 13.50 25.41 -27.34
N LYS A 324 12.84 26.11 -26.40
CA LYS A 324 13.28 27.45 -26.01
C LYS A 324 14.42 27.38 -24.99
N TYR A 325 15.53 28.06 -25.30
CA TYR A 325 16.73 28.01 -24.48
C TYR A 325 17.08 29.40 -23.93
N ILE A 326 17.70 29.39 -22.75
CA ILE A 326 18.00 30.60 -21.96
C ILE A 326 19.49 30.62 -21.69
N GLY A 327 20.03 31.80 -21.53
CA GLY A 327 21.42 31.98 -21.19
C GLY A 327 21.55 33.05 -20.13
N PHE A 328 22.48 32.85 -19.22
CA PHE A 328 22.53 33.64 -18.01
C PHE A 328 23.94 33.58 -17.42
N GLU A 329 24.25 34.52 -16.52
CA GLU A 329 25.59 34.64 -15.97
C GLU A 329 25.61 34.13 -14.53
N THR A 330 26.61 33.31 -14.21
CA THR A 330 26.74 32.71 -12.88
C THR A 330 27.14 33.77 -11.86
N VAL A 331 27.49 33.34 -10.64
CA VAL A 331 27.95 34.30 -9.64
C VAL A 331 29.37 34.77 -9.98
N ASN A 332 30.25 33.84 -10.33
CA ASN A 332 31.63 34.21 -10.63
C ASN A 332 31.77 34.91 -11.98
N GLY A 333 30.78 34.81 -12.87
CA GLY A 333 30.69 35.71 -14.00
C GLY A 333 30.96 35.22 -15.41
N ASP A 334 30.47 34.04 -15.74
CA ASP A 334 30.53 33.47 -17.09
C ASP A 334 29.12 33.04 -17.47
N ILE A 335 28.93 32.68 -18.73
CA ILE A 335 27.60 32.64 -19.33
C ILE A 335 27.15 31.20 -19.58
N PHE A 336 25.98 30.89 -19.06
CA PHE A 336 25.40 29.55 -19.04
C PHE A 336 24.09 29.50 -19.84
N ILE A 337 23.97 28.49 -20.72
CA ILE A 337 22.82 28.29 -21.60
C ILE A 337 22.23 26.92 -21.27
N CYS A 338 21.17 26.90 -20.46
CA CYS A 338 20.32 25.73 -20.34
C CYS A 338 18.87 26.16 -20.45
N THR A 339 17.93 25.25 -20.19
CA THR A 339 16.53 25.58 -20.07
C THR A 339 16.24 26.21 -18.72
N GLN A 340 15.00 26.65 -18.52
CA GLN A 340 14.72 27.37 -17.28
C GLN A 340 14.53 26.43 -16.10
N LYS A 341 13.88 25.29 -16.33
CA LYS A 341 13.87 24.21 -15.34
C LYS A 341 15.28 23.92 -14.87
N ALA A 342 16.23 23.88 -15.81
CA ALA A 342 17.63 23.74 -15.45
C ALA A 342 18.13 25.00 -14.77
N ALA A 343 17.89 26.17 -15.37
CA ALA A 343 18.38 27.42 -14.79
C ALA A 343 17.89 27.60 -13.34
N ARG A 344 16.58 27.63 -13.16
CA ARG A 344 16.05 27.74 -11.82
C ARG A 344 16.61 26.67 -10.89
N ASN A 345 16.97 25.51 -11.43
CA ASN A 345 17.58 24.47 -10.59
C ASN A 345 18.97 24.87 -10.14
N MET A 346 19.79 25.39 -11.07
CA MET A 346 21.13 25.84 -10.69
C MET A 346 21.05 26.91 -9.60
N SER A 347 20.14 27.87 -9.80
CA SER A 347 19.96 29.01 -8.89
C SER A 347 19.87 28.60 -7.42
N TYR A 348 18.84 27.83 -7.06
CA TYR A 348 18.64 27.51 -5.64
C TYR A 348 19.75 26.60 -5.09
N GLN A 349 20.74 26.31 -5.93
CA GLN A 349 21.92 25.53 -5.60
C GLN A 349 23.16 26.39 -5.40
N GLY A 350 22.99 27.67 -5.04
CA GLY A 350 24.11 28.58 -4.83
C GLY A 350 24.92 28.94 -6.06
N PHE A 351 24.58 28.37 -7.23
CA PHE A 351 25.28 28.60 -8.50
C PHE A 351 25.21 30.03 -8.98
N THR A 352 24.26 30.81 -8.49
CA THR A 352 24.23 32.22 -8.85
C THR A 352 24.54 33.07 -7.62
N LYS A 353 24.63 34.39 -7.84
CA LYS A 353 25.17 35.33 -6.86
C LYS A 353 24.37 35.33 -5.57
N ASP A 354 23.12 35.77 -5.63
CA ASP A 354 22.21 35.56 -4.53
C ASP A 354 21.56 34.18 -4.69
N ASN A 355 21.64 33.37 -3.64
CA ASN A 355 21.08 32.03 -3.69
C ASN A 355 19.67 32.09 -4.21
N GLY A 356 19.47 31.48 -5.40
CA GLY A 356 18.16 31.24 -5.97
C GLY A 356 17.76 32.07 -7.18
N VAL A 357 18.53 33.05 -7.59
CA VAL A 357 18.07 33.96 -8.62
C VAL A 357 18.72 33.63 -9.96
N VAL A 358 17.90 33.64 -11.01
CA VAL A 358 18.37 33.40 -12.37
C VAL A 358 18.66 34.74 -13.03
N PRO A 359 19.96 35.17 -13.15
CA PRO A 359 20.35 36.41 -13.87
C PRO A 359 20.31 36.20 -15.38
N VAL A 360 19.12 36.35 -15.96
CA VAL A 360 18.90 36.01 -17.37
C VAL A 360 19.43 37.13 -18.25
N VAL A 361 20.04 36.74 -19.36
CA VAL A 361 20.61 37.71 -20.28
C VAL A 361 19.96 37.68 -21.65
N LYS A 362 19.36 36.55 -22.08
CA LYS A 362 18.69 36.49 -23.37
C LYS A 362 17.99 35.13 -23.50
N GLU A 363 17.12 35.05 -24.51
CA GLU A 363 16.24 33.92 -24.77
C GLU A 363 16.34 33.56 -26.24
N LEU A 364 16.13 32.29 -26.54
CA LEU A 364 16.05 31.83 -27.92
C LEU A 364 15.68 30.36 -27.93
N MET A 365 15.70 29.77 -29.12
CA MET A 365 15.45 28.35 -29.31
C MET A 365 16.62 27.77 -30.07
N GLY A 366 16.87 26.47 -29.87
CA GLY A 366 18.05 25.82 -30.41
C GLY A 366 18.25 26.06 -31.88
N GLU A 367 17.17 26.39 -32.60
CA GLU A 367 17.24 26.77 -34.02
C GLU A 367 18.37 27.76 -34.31
N GLU A 368 18.39 28.85 -33.52
CA GLU A 368 19.34 29.95 -33.56
C GLU A 368 20.72 29.56 -33.10
N ILE A 369 20.93 28.34 -32.61
CA ILE A 369 22.16 27.97 -31.94
C ILE A 369 23.04 27.08 -32.78
N LEU A 370 22.43 26.09 -33.42
CA LEU A 370 23.14 25.18 -34.29
C LEU A 370 24.10 25.95 -35.20
N GLY A 371 25.36 25.52 -35.21
CA GLY A 371 26.38 26.32 -35.86
C GLY A 371 27.61 26.44 -35.01
N ALA A 372 27.90 27.65 -34.53
CA ALA A 372 29.20 28.03 -33.99
C ALA A 372 29.88 26.91 -33.22
N SER A 373 31.19 26.82 -33.41
CA SER A 373 31.97 25.71 -32.88
C SER A 373 32.01 25.75 -31.35
N LEU A 374 31.86 24.59 -30.74
CA LEU A 374 32.02 24.47 -29.30
C LEU A 374 33.33 23.77 -29.02
N SER A 375 34.20 24.40 -28.23
CA SER A 375 35.40 23.69 -27.82
C SER A 375 35.11 22.99 -26.52
N ALA A 376 35.20 21.65 -26.56
CA ALA A 376 34.67 20.73 -25.56
C ALA A 376 35.80 20.03 -24.83
N PRO A 377 35.81 20.04 -23.50
CA PRO A 377 36.96 19.51 -22.78
C PRO A 377 37.00 18.00 -22.85
N LEU A 378 38.22 17.48 -22.79
CA LEU A 378 38.56 16.07 -22.72
C LEU A 378 38.43 15.33 -24.04
N THR A 379 38.20 16.01 -25.18
CA THR A 379 37.97 15.28 -26.41
C THR A 379 38.89 15.66 -27.55
N SER A 380 39.29 14.65 -28.31
CA SER A 380 40.28 14.71 -29.38
C SER A 380 39.57 15.34 -30.58
N TYR A 381 38.46 16.05 -30.30
CA TYR A 381 37.72 16.89 -31.23
C TYR A 381 37.38 18.17 -30.43
N LYS A 382 38.30 19.13 -30.39
CA LYS A 382 38.09 20.41 -29.68
C LYS A 382 37.25 21.40 -30.49
N VAL A 383 37.42 21.44 -31.82
CA VAL A 383 36.54 22.25 -32.65
C VAL A 383 35.44 21.30 -33.12
N ILE A 384 34.43 21.11 -32.28
CA ILE A 384 33.21 20.39 -32.66
C ILE A 384 32.04 21.35 -32.62
N TYR A 385 30.95 20.92 -33.22
CA TYR A 385 29.86 21.85 -33.46
C TYR A 385 28.64 21.39 -32.67
N VAL A 386 27.62 22.24 -32.71
CA VAL A 386 26.32 21.96 -32.08
C VAL A 386 25.38 21.43 -33.16
N LEU A 387 24.86 20.22 -32.99
CA LEU A 387 23.99 19.64 -34.00
C LEU A 387 22.62 19.26 -33.42
N PRO A 388 21.55 19.26 -34.24
CA PRO A 388 20.19 19.05 -33.71
C PRO A 388 19.90 17.58 -33.43
N MET A 389 19.03 17.36 -32.41
CA MET A 389 18.62 16.02 -31.95
C MET A 389 17.16 16.19 -31.51
N LEU A 390 16.22 15.92 -32.43
CA LEU A 390 14.82 16.22 -32.19
C LEU A 390 14.19 15.28 -31.17
N THR A 391 14.88 14.20 -30.80
CA THR A 391 14.35 13.25 -29.82
C THR A 391 14.83 13.55 -28.41
N ILE A 392 15.03 14.83 -28.07
CA ILE A 392 15.55 15.14 -26.74
C ILE A 392 14.41 15.13 -25.75
N LYS A 393 14.58 14.33 -24.68
CA LYS A 393 13.62 14.35 -23.59
C LYS A 393 13.59 15.79 -23.10
N GLU A 394 12.46 16.46 -23.34
CA GLU A 394 12.42 17.91 -23.17
C GLU A 394 12.32 18.32 -21.69
N ASP A 395 12.46 17.38 -20.78
CA ASP A 395 12.54 17.78 -19.39
C ASP A 395 13.81 17.32 -18.70
N LYS A 396 14.25 16.07 -18.94
CA LYS A 396 15.42 15.57 -18.24
C LYS A 396 16.66 16.28 -18.78
N GLY A 397 17.51 16.71 -17.85
CA GLY A 397 18.76 17.36 -18.20
C GLY A 397 18.71 18.87 -18.28
N THR A 398 19.48 19.36 -19.24
CA THR A 398 19.77 20.78 -19.37
C THR A 398 18.95 21.43 -20.47
N GLY A 399 18.28 20.64 -21.32
CA GLY A 399 18.00 21.10 -22.66
C GLY A 399 19.16 20.95 -23.61
N VAL A 400 20.33 20.54 -23.11
CA VAL A 400 21.45 20.10 -23.93
C VAL A 400 21.70 18.63 -23.59
N VAL A 401 22.34 17.92 -24.53
CA VAL A 401 22.95 16.63 -24.24
C VAL A 401 24.25 16.52 -25.02
N THR A 402 25.04 15.55 -24.62
CA THR A 402 26.33 15.30 -25.25
C THR A 402 26.15 14.38 -26.48
N SER A 403 27.19 14.35 -27.32
CA SER A 403 27.24 13.52 -28.54
C SER A 403 28.31 12.44 -28.37
N VAL A 404 27.94 11.35 -27.71
CA VAL A 404 28.90 10.31 -27.36
C VAL A 404 28.66 9.10 -28.26
N PRO A 405 29.01 9.18 -29.53
CA PRO A 405 28.51 8.20 -30.49
C PRO A 405 28.97 6.80 -30.19
N SER A 406 30.14 6.65 -29.58
CA SER A 406 30.70 5.31 -29.45
C SER A 406 30.15 4.54 -28.27
N ASP A 407 29.28 5.14 -27.45
CA ASP A 407 28.69 4.41 -26.33
C ASP A 407 27.27 4.86 -26.03
N SER A 408 26.59 5.48 -27.01
CA SER A 408 25.20 5.91 -26.86
C SER A 408 24.54 5.92 -28.24
N PRO A 409 23.77 4.88 -28.58
CA PRO A 409 23.43 4.66 -30.00
C PRO A 409 22.58 5.74 -30.65
N ASP A 410 21.68 6.37 -29.92
CA ASP A 410 20.89 7.46 -30.49
C ASP A 410 21.81 8.31 -31.36
N ASP A 411 22.99 8.58 -30.80
CA ASP A 411 23.94 9.49 -31.40
C ASP A 411 24.43 9.01 -32.75
N ILE A 412 24.67 7.70 -32.91
CA ILE A 412 25.08 7.26 -34.24
C ILE A 412 23.91 7.35 -35.22
N ALA A 413 22.72 6.93 -34.78
CA ALA A 413 21.52 7.27 -35.51
C ALA A 413 21.47 8.76 -35.81
N ALA A 414 21.65 9.57 -34.76
CA ALA A 414 21.68 11.01 -34.93
C ALA A 414 22.71 11.45 -35.97
N LEU A 415 23.98 11.06 -35.77
CA LEU A 415 25.02 11.33 -36.76
C LEU A 415 24.61 10.87 -38.15
N ARG A 416 24.22 9.59 -38.28
CA ARG A 416 24.12 8.96 -39.60
C ARG A 416 23.09 9.67 -40.49
N ASP A 417 21.92 10.03 -39.92
CA ASP A 417 20.89 10.70 -40.71
C ASP A 417 21.40 12.00 -41.29
N LEU A 418 22.13 12.77 -40.49
CA LEU A 418 22.73 14.02 -40.98
C LEU A 418 23.70 13.74 -42.10
N LYS A 419 24.29 12.54 -42.11
CA LYS A 419 25.21 12.18 -43.17
C LYS A 419 24.48 11.71 -44.44
N LYS A 420 23.24 11.20 -44.30
CA LYS A 420 22.53 10.64 -45.46
C LYS A 420 21.90 11.66 -46.39
N LYS A 421 20.87 12.35 -45.90
CA LYS A 421 20.09 13.24 -46.74
C LYS A 421 20.72 14.61 -46.72
N GLN A 422 20.88 15.22 -47.90
CA GLN A 422 21.14 16.64 -47.87
C GLN A 422 19.91 17.39 -47.36
N ALA A 423 18.79 16.68 -47.16
CA ALA A 423 17.66 17.19 -46.40
C ALA A 423 17.88 17.13 -44.91
N LEU A 424 19.14 16.95 -44.49
CA LEU A 424 19.67 17.29 -43.17
C LEU A 424 21.10 17.81 -43.17
N ARG A 425 21.89 17.66 -44.24
CA ARG A 425 23.34 17.87 -44.22
C ARG A 425 23.77 19.34 -44.34
N ALA A 426 22.84 20.25 -44.64
CA ALA A 426 23.10 21.69 -44.52
C ALA A 426 22.10 22.35 -43.58
N LYS A 427 21.38 21.51 -42.79
CA LYS A 427 20.04 21.83 -42.31
C LYS A 427 19.98 23.13 -41.53
N TYR A 428 21.00 23.41 -40.72
CA TYR A 428 20.91 24.55 -39.82
C TYR A 428 22.23 25.32 -39.74
N GLY A 429 23.02 25.32 -40.81
CA GLY A 429 24.38 25.87 -40.72
C GLY A 429 25.47 24.81 -40.74
N ILE A 430 25.33 23.89 -41.69
CA ILE A 430 26.01 22.59 -41.67
C ILE A 430 26.91 22.54 -42.91
N ARG A 431 28.17 22.98 -42.76
CA ARG A 431 29.11 23.22 -43.85
C ARG A 431 29.88 21.98 -44.32
N ASP A 432 30.95 22.20 -45.11
CA ASP A 432 31.82 21.11 -45.58
C ASP A 432 32.31 20.24 -44.42
N ASP A 433 32.61 20.86 -43.29
CA ASP A 433 33.24 20.20 -42.14
C ASP A 433 32.23 19.65 -41.13
N MET A 434 30.95 20.00 -41.23
CA MET A 434 30.13 20.03 -40.03
C MET A 434 30.00 18.65 -39.42
N VAL A 435 29.32 17.76 -40.13
CA VAL A 435 28.99 16.44 -39.61
C VAL A 435 29.93 15.37 -40.18
N LEU A 436 30.57 15.65 -41.31
CA LEU A 436 31.19 14.56 -42.07
C LEU A 436 32.47 14.05 -41.41
N PRO A 437 33.50 14.87 -41.23
CA PRO A 437 34.76 14.31 -40.70
C PRO A 437 34.68 13.98 -39.23
N PHE A 438 33.61 14.36 -38.56
CA PHE A 438 33.33 13.84 -37.23
C PHE A 438 32.95 12.36 -37.33
N GLU A 439 33.66 11.49 -36.63
CA GLU A 439 33.28 10.08 -36.59
C GLU A 439 33.42 9.56 -35.17
N PRO A 440 32.65 8.55 -34.80
CA PRO A 440 32.67 8.09 -33.41
C PRO A 440 34.07 7.69 -32.95
N VAL A 441 34.24 7.74 -31.63
CA VAL A 441 35.53 7.83 -30.93
C VAL A 441 35.74 6.54 -30.13
N PRO A 442 36.62 5.69 -30.56
CA PRO A 442 36.87 4.46 -29.82
C PRO A 442 37.52 4.76 -28.48
N VAL A 443 36.76 4.69 -27.40
CA VAL A 443 37.31 4.99 -26.09
C VAL A 443 37.03 3.92 -25.07
N ILE A 444 36.02 3.08 -25.33
CA ILE A 444 35.49 2.10 -24.40
C ILE A 444 35.26 0.83 -25.21
N GLU A 445 36.07 -0.20 -24.96
CA GLU A 445 35.83 -1.47 -25.62
C GLU A 445 35.14 -2.42 -24.66
N ILE A 446 34.18 -3.19 -25.20
CA ILE A 446 33.28 -4.07 -24.47
C ILE A 446 33.26 -5.45 -25.10
N PRO A 447 33.79 -6.50 -24.41
CA PRO A 447 34.37 -7.68 -25.10
C PRO A 447 33.42 -8.61 -25.86
N GLY A 448 32.20 -8.17 -26.17
CA GLY A 448 31.45 -8.92 -27.15
C GLY A 448 31.55 -8.29 -28.53
N PHE A 449 31.63 -6.96 -28.58
CA PHE A 449 31.16 -6.20 -29.74
C PHE A 449 32.15 -5.21 -30.39
N GLY A 450 32.81 -4.37 -29.61
CA GLY A 450 33.81 -3.46 -30.17
C GLY A 450 33.89 -2.13 -29.44
N ASN A 451 35.03 -1.45 -29.62
CA ASN A 451 35.19 -0.09 -29.12
C ASN A 451 34.04 0.79 -29.59
N LEU A 452 33.68 0.67 -30.87
CA LEU A 452 32.52 1.30 -31.46
C LEU A 452 31.27 0.58 -30.98
N SER A 453 31.13 0.46 -29.66
CA SER A 453 30.13 -0.43 -29.10
C SER A 453 28.73 -0.03 -29.56
N ALA A 454 28.30 1.18 -29.21
CA ALA A 454 26.94 1.59 -29.52
C ALA A 454 26.62 1.58 -31.01
N VAL A 455 27.64 1.45 -31.84
CA VAL A 455 27.45 1.33 -33.28
C VAL A 455 27.40 -0.13 -33.70
N THR A 456 28.41 -0.89 -33.32
CA THR A 456 28.48 -2.31 -33.64
C THR A 456 27.32 -3.11 -33.05
N ILE A 457 26.42 -2.46 -32.32
CA ILE A 457 25.17 -3.09 -31.89
C ILE A 457 23.99 -2.68 -32.77
N CYS A 458 23.88 -1.39 -33.09
CA CYS A 458 22.84 -0.88 -33.96
C CYS A 458 23.23 -0.91 -35.42
N ASP A 459 24.41 -1.42 -35.74
CA ASP A 459 24.72 -1.79 -37.10
C ASP A 459 24.63 -3.31 -37.29
N GLU A 460 24.06 -4.02 -36.29
CA GLU A 460 23.55 -5.39 -36.44
C GLU A 460 22.07 -5.54 -36.06
N LEU A 461 21.53 -4.70 -35.18
CA LEU A 461 20.07 -4.57 -35.09
C LEU A 461 19.51 -3.48 -35.98
N LYS A 462 20.36 -2.85 -36.80
CA LYS A 462 20.01 -2.10 -38.02
C LYS A 462 18.94 -1.03 -37.80
N ILE A 463 19.27 -0.17 -36.83
CA ILE A 463 18.45 1.00 -36.45
C ILE A 463 19.00 2.09 -37.35
N GLN A 464 18.95 1.88 -38.67
CA GLN A 464 19.46 2.87 -39.65
C GLN A 464 18.61 4.16 -39.56
N SER A 465 17.29 4.01 -39.59
CA SER A 465 16.36 5.18 -39.52
C SER A 465 16.48 5.85 -38.14
N GLN A 466 16.33 7.18 -38.10
CA GLN A 466 16.43 7.94 -36.82
C GLN A 466 15.02 8.13 -36.24
N ASN A 467 14.01 7.54 -36.89
CA ASN A 467 12.60 7.64 -36.42
C ASN A 467 12.27 6.42 -35.56
N ASP A 468 13.25 5.57 -35.30
CA ASP A 468 13.05 4.35 -34.48
C ASP A 468 13.27 4.68 -33.00
N ARG A 469 12.25 5.26 -32.36
CA ARG A 469 12.33 5.63 -30.95
C ARG A 469 11.95 4.50 -30.01
N GLU A 470 11.06 3.61 -30.44
CA GLU A 470 10.89 2.33 -29.75
C GLU A 470 12.18 1.53 -29.82
N LYS A 471 12.71 1.37 -31.04
CA LYS A 471 14.00 0.74 -31.27
C LYS A 471 15.17 1.62 -30.81
N LEU A 472 14.93 2.84 -30.32
CA LEU A 472 15.94 3.53 -29.51
C LEU A 472 15.75 3.27 -28.02
N ALA A 473 14.56 2.80 -27.60
CA ALA A 473 14.50 2.08 -26.34
C ALA A 473 15.37 0.82 -26.40
N GLU A 474 15.38 0.12 -27.54
CA GLU A 474 16.34 -0.97 -27.73
C GLU A 474 17.74 -0.50 -27.39
N ALA A 475 18.15 0.62 -27.98
CA ALA A 475 19.55 0.98 -28.15
C ALA A 475 20.20 1.40 -26.83
N LYS A 476 19.69 2.47 -26.21
CA LYS A 476 20.30 2.95 -24.98
C LYS A 476 20.17 1.95 -23.84
N GLU A 477 19.31 0.95 -23.97
CA GLU A 477 19.37 -0.15 -23.04
C GLU A 477 20.51 -1.11 -23.33
N LYS A 478 21.19 -0.94 -24.48
CA LYS A 478 22.25 -1.90 -24.86
C LYS A 478 23.54 -1.64 -24.09
N ILE A 479 24.16 -0.49 -24.40
CA ILE A 479 25.49 -0.12 -23.91
C ILE A 479 25.26 0.34 -22.48
N TYR A 480 24.13 -0.10 -21.93
CA TYR A 480 23.48 0.45 -20.75
C TYR A 480 24.42 0.49 -19.57
N LEU A 481 24.45 -0.62 -18.82
CA LEU A 481 25.27 -0.77 -17.60
C LEU A 481 26.36 -1.85 -17.81
N LYS A 482 26.10 -2.85 -18.66
CA LYS A 482 27.09 -3.92 -18.97
C LYS A 482 28.39 -3.21 -19.36
N GLY A 483 28.23 -2.09 -20.09
CA GLY A 483 29.28 -1.20 -20.49
C GLY A 483 29.78 -0.37 -19.33
N PHE A 484 29.30 -0.68 -18.11
CA PHE A 484 29.80 -0.14 -16.85
C PHE A 484 30.97 -0.94 -16.30
N TYR A 485 31.09 -2.23 -16.68
CA TYR A 485 32.22 -3.06 -16.28
C TYR A 485 32.99 -3.63 -17.45
N GLU A 486 32.28 -4.27 -18.39
CA GLU A 486 32.92 -4.89 -19.55
C GLU A 486 33.56 -3.83 -20.44
N GLY A 487 32.92 -2.68 -20.57
CA GLY A 487 33.56 -1.56 -21.21
C GLY A 487 34.85 -1.24 -20.51
N ILE A 488 35.92 -1.01 -21.27
CA ILE A 488 37.26 -0.74 -20.74
C ILE A 488 37.78 0.54 -21.37
N MET A 489 38.27 1.46 -20.53
CA MET A 489 38.88 2.68 -21.04
C MET A 489 40.14 2.37 -21.82
N LEU A 490 40.34 3.08 -22.92
CA LEU A 490 41.47 2.81 -23.82
C LEU A 490 42.38 4.01 -24.03
N VAL A 491 42.10 5.16 -23.40
CA VAL A 491 42.79 6.41 -23.71
C VAL A 491 44.24 6.37 -23.24
N ASP A 492 45.05 7.34 -23.69
CA ASP A 492 46.42 7.37 -23.22
C ASP A 492 46.43 7.81 -21.77
N GLY A 493 46.27 6.86 -20.87
CA GLY A 493 46.24 7.18 -19.45
C GLY A 493 45.35 6.28 -18.60
N PHE A 494 44.64 5.34 -19.23
CA PHE A 494 43.87 4.34 -18.52
C PHE A 494 43.75 3.03 -19.31
N LYS A 495 44.69 2.72 -20.22
CA LYS A 495 44.53 1.58 -21.11
C LYS A 495 44.39 0.32 -20.28
N GLY A 496 43.21 -0.30 -20.31
CA GLY A 496 42.94 -1.50 -19.57
C GLY A 496 42.19 -1.30 -18.28
N GLN A 497 42.15 -0.07 -17.75
CA GLN A 497 41.48 0.18 -16.48
C GLN A 497 39.98 -0.10 -16.59
N LYS A 498 39.40 -0.58 -15.49
CA LYS A 498 37.95 -0.77 -15.46
C LYS A 498 37.26 0.58 -15.44
N VAL A 499 36.26 0.74 -16.31
CA VAL A 499 35.49 1.99 -16.40
C VAL A 499 34.79 2.34 -15.09
N GLN A 500 34.59 1.36 -14.20
CA GLN A 500 33.89 1.45 -12.92
C GLN A 500 34.80 1.91 -11.77
N ASP A 501 36.08 1.53 -11.77
CA ASP A 501 36.99 1.97 -10.72
C ASP A 501 37.65 3.31 -11.04
N VAL A 502 37.53 3.79 -12.29
CA VAL A 502 38.01 5.11 -12.68
C VAL A 502 36.89 6.10 -12.96
N LYS A 503 35.62 5.68 -12.87
CA LYS A 503 34.50 6.59 -13.14
C LYS A 503 34.61 7.86 -12.32
N LYS A 504 34.89 7.71 -11.02
CA LYS A 504 34.88 8.84 -10.11
C LYS A 504 36.12 9.71 -10.27
N THR A 505 37.17 9.18 -10.91
CA THR A 505 38.41 9.92 -11.08
C THR A 505 38.32 10.87 -12.28
N ILE A 506 38.08 10.30 -13.47
CA ILE A 506 37.93 11.08 -14.69
C ILE A 506 36.94 12.21 -14.47
N GLN A 507 35.90 11.96 -13.68
CA GLN A 507 34.95 13.03 -13.34
C GLN A 507 35.61 14.10 -12.48
N LYS A 508 36.40 13.69 -11.47
CA LYS A 508 36.99 14.68 -10.56
C LYS A 508 38.20 15.37 -11.17
N LYS A 509 38.93 14.69 -12.07
CA LYS A 509 39.91 15.40 -12.87
C LYS A 509 39.27 16.57 -13.60
N MET A 510 38.02 16.42 -14.02
CA MET A 510 37.38 17.46 -14.79
C MET A 510 36.78 18.54 -13.91
N ILE A 511 36.73 18.37 -12.59
CA ILE A 511 36.36 19.50 -11.71
C ILE A 511 37.56 20.39 -11.42
N ASP A 512 38.65 19.79 -10.93
CA ASP A 512 39.84 20.58 -10.60
C ASP A 512 40.35 21.37 -11.79
N ALA A 513 40.29 20.78 -12.99
CA ALA A 513 40.59 21.54 -14.20
C ALA A 513 39.59 22.65 -14.47
N GLY A 514 38.67 22.93 -13.56
CA GLY A 514 37.73 24.01 -13.75
C GLY A 514 36.91 23.90 -15.01
N ASP A 515 37.03 22.76 -15.72
CA ASP A 515 36.22 22.49 -16.90
C ASP A 515 34.84 21.95 -16.54
N ALA A 516 34.69 21.22 -15.43
CA ALA A 516 33.42 20.62 -15.03
C ALA A 516 33.01 20.96 -13.60
N LEU A 517 31.70 21.14 -13.42
CA LEU A 517 31.03 21.23 -12.13
C LEU A 517 29.96 20.14 -12.07
N ILE A 518 29.13 20.18 -11.02
CA ILE A 518 28.24 19.09 -10.62
C ILE A 518 26.80 19.62 -10.54
N TYR A 519 25.87 18.92 -11.20
CA TYR A 519 24.49 19.37 -11.35
C TYR A 519 23.52 18.45 -10.60
N MET A 520 22.52 19.05 -9.94
CA MET A 520 21.47 18.31 -9.26
C MET A 520 20.12 18.70 -9.84
N GLU A 521 19.34 17.70 -10.23
CA GLU A 521 18.05 17.87 -10.88
C GLU A 521 17.07 16.90 -10.25
N PRO A 522 15.80 17.30 -10.11
CA PRO A 522 14.71 16.33 -9.88
C PRO A 522 14.79 15.08 -10.77
N GLU A 523 14.75 13.90 -10.13
CA GLU A 523 14.83 12.65 -10.89
C GLU A 523 13.72 12.56 -11.93
N LYS A 524 12.46 12.88 -11.56
CA LYS A 524 11.40 13.03 -12.55
C LYS A 524 10.73 14.41 -12.59
N GLN A 525 9.94 14.78 -11.58
CA GLN A 525 9.21 16.05 -11.44
C GLN A 525 8.44 16.03 -10.14
N VAL A 526 8.20 17.17 -9.53
CA VAL A 526 7.29 17.24 -8.39
C VAL A 526 6.36 18.42 -8.61
N MET A 527 5.22 18.40 -7.92
CA MET A 527 4.39 19.58 -7.66
C MET A 527 4.03 19.58 -6.17
N SER A 528 4.50 20.59 -5.43
CA SER A 528 4.30 20.58 -3.99
C SER A 528 2.85 20.45 -3.64
N ARG A 529 2.18 21.30 -4.38
CA ARG A 529 0.76 21.58 -4.50
C ARG A 529 0.79 22.56 -5.67
N SER A 530 1.91 23.23 -5.94
CA SER A 530 2.16 24.20 -7.01
C SER A 530 3.65 24.07 -7.32
N SER A 531 4.33 25.16 -7.68
CA SER A 531 5.58 25.17 -8.45
C SER A 531 6.49 23.95 -8.36
N ASP A 532 6.83 23.39 -9.54
CA ASP A 532 7.62 22.17 -9.66
C ASP A 532 8.95 22.36 -8.95
N GLU A 533 9.46 21.31 -8.34
CA GLU A 533 10.46 21.50 -7.30
C GLU A 533 11.84 21.20 -7.82
N CYS A 534 12.81 21.26 -6.91
CA CYS A 534 14.21 21.30 -7.34
C CYS A 534 15.14 20.81 -6.22
N VAL A 535 16.15 20.04 -6.62
CA VAL A 535 17.32 19.91 -5.79
C VAL A 535 17.85 21.30 -5.46
N VAL A 536 18.00 21.60 -4.19
CA VAL A 536 18.68 22.84 -3.86
C VAL A 536 19.89 22.53 -3.01
N ALA A 537 20.95 23.31 -3.22
CA ALA A 537 22.01 23.38 -2.23
C ALA A 537 21.41 24.22 -1.10
N LEU A 538 20.61 23.54 -0.26
CA LEU A 538 19.97 24.28 0.81
C LEU A 538 21.03 24.73 1.81
N CYS A 539 21.32 26.06 1.78
CA CYS A 539 22.31 26.80 2.58
C CYS A 539 22.07 26.67 4.08
N ASP A 540 21.00 25.94 4.42
CA ASP A 540 20.58 25.72 5.79
C ASP A 540 19.51 24.64 5.81
N GLN A 541 19.70 23.62 6.65
CA GLN A 541 18.63 22.72 7.06
C GLN A 541 19.07 21.87 8.24
N TRP A 542 18.43 22.02 9.39
CA TRP A 542 18.55 20.94 10.34
C TRP A 542 17.98 19.73 9.68
N TYR A 543 18.65 18.60 9.83
CA TYR A 543 18.19 17.39 9.18
C TYR A 543 18.41 16.22 10.11
N LEU A 544 17.80 15.08 9.77
CA LEU A 544 17.91 13.86 10.56
C LEU A 544 18.83 12.86 9.87
N ASP A 545 19.63 12.16 10.70
CA ASP A 545 20.64 11.22 10.20
C ASP A 545 20.10 9.80 10.14
N TYR A 546 19.41 9.48 9.04
CA TYR A 546 19.11 8.09 8.71
C TYR A 546 20.22 7.45 7.84
N GLY A 547 21.31 8.18 7.63
CA GLY A 547 22.42 7.57 6.94
C GLY A 547 23.41 6.88 7.85
N GLU A 548 23.07 6.75 9.13
CA GLU A 548 24.01 6.10 10.05
C GLU A 548 24.47 4.74 9.53
N GLU A 549 25.63 4.31 10.00
CA GLU A 549 26.03 2.94 9.81
C GLU A 549 25.47 2.09 10.94
N ASN A 550 25.69 2.55 12.16
CA ASN A 550 25.27 1.80 13.34
C ASN A 550 23.76 1.79 13.42
N TRP A 551 23.15 2.97 13.43
CA TRP A 551 21.70 3.08 13.63
C TRP A 551 20.93 2.41 12.49
N LYS A 552 21.42 2.52 11.25
CA LYS A 552 20.78 1.81 10.15
C LYS A 552 20.78 0.29 10.38
N LYS A 553 21.84 -0.24 11.00
CA LYS A 553 21.96 -1.69 11.15
C LYS A 553 21.13 -2.19 12.34
N GLN A 554 21.19 -1.50 13.48
CA GLN A 554 20.31 -1.84 14.60
C GLN A 554 18.84 -1.73 14.21
N THR A 555 18.51 -0.88 13.24
CA THR A 555 17.14 -0.72 12.76
C THR A 555 16.77 -1.70 11.67
N SER A 556 17.72 -2.10 10.79
CA SER A 556 17.43 -3.25 9.93
C SER A 556 16.99 -4.42 10.78
N GLN A 557 17.60 -4.55 11.96
CA GLN A 557 17.20 -5.56 12.94
C GLN A 557 15.86 -5.25 13.61
N CYS A 558 15.49 -3.98 13.78
CA CYS A 558 14.13 -3.71 14.25
C CYS A 558 13.12 -4.19 13.22
N LEU A 559 13.54 -4.28 11.96
CA LEU A 559 12.65 -4.79 10.94
C LEU A 559 12.67 -6.32 10.90
N LYS A 560 13.85 -6.95 10.89
CA LYS A 560 13.88 -8.42 10.89
C LYS A 560 13.15 -9.01 12.10
N ASN A 561 12.75 -8.18 13.04
CA ASN A 561 11.94 -8.57 14.19
C ASN A 561 10.46 -8.27 13.96
N LEU A 562 10.12 -7.00 13.80
CA LEU A 562 8.77 -6.59 13.47
C LEU A 562 8.16 -7.45 12.36
N GLU A 563 6.87 -7.76 12.50
CA GLU A 563 6.20 -8.73 11.65
C GLU A 563 5.67 -8.04 10.39
N THR A 564 6.12 -8.50 9.22
CA THR A 564 5.57 -8.04 7.94
C THR A 564 4.45 -9.00 7.53
N PHE A 565 3.24 -8.48 7.32
CA PHE A 565 2.13 -9.39 7.04
C PHE A 565 2.28 -10.15 5.72
N CYS A 566 3.32 -9.90 4.95
CA CYS A 566 3.48 -10.52 3.64
C CYS A 566 4.96 -10.58 3.29
N GLU A 567 5.26 -11.21 2.15
CA GLU A 567 6.63 -11.51 1.74
C GLU A 567 7.24 -10.40 0.93
N GLU A 568 6.43 -9.51 0.38
CA GLU A 568 6.96 -8.37 -0.36
C GLU A 568 7.11 -7.13 0.51
N THR A 569 6.24 -6.92 1.50
CA THR A 569 6.34 -5.69 2.26
C THR A 569 7.75 -5.52 2.79
N ARG A 570 8.32 -6.59 3.34
CA ARG A 570 9.70 -6.57 3.79
C ARG A 570 10.66 -6.17 2.66
N ARG A 571 10.41 -6.64 1.42
CA ARG A 571 11.27 -6.27 0.31
C ARG A 571 11.21 -4.77 0.04
N ASN A 572 10.04 -4.16 0.15
CA ASN A 572 9.98 -2.71 0.04
C ASN A 572 10.53 -2.00 1.26
N PHE A 573 10.69 -2.70 2.38
CA PHE A 573 11.39 -2.08 3.51
C PHE A 573 12.89 -2.24 3.43
N GLU A 574 13.39 -3.38 2.96
CA GLU A 574 14.80 -3.42 2.58
C GLU A 574 15.11 -2.36 1.53
N ALA A 575 14.49 -2.47 0.35
CA ALA A 575 14.88 -1.65 -0.77
C ALA A 575 14.74 -0.15 -0.50
N THR A 576 13.90 0.26 0.46
CA THR A 576 13.83 1.67 0.82
C THR A 576 14.69 2.06 2.03
N LEU A 577 15.09 1.09 2.86
CA LEU A 577 16.00 1.35 3.97
C LEU A 577 17.43 1.46 3.48
N GLY A 578 17.87 0.50 2.66
CA GLY A 578 19.18 0.52 2.01
C GLY A 578 19.27 1.63 0.97
N TRP A 579 18.21 2.43 0.96
CA TRP A 579 18.03 3.61 0.11
C TRP A 579 17.90 4.90 0.89
N LEU A 580 17.34 4.85 2.09
CA LEU A 580 17.03 6.05 2.84
C LEU A 580 18.31 6.58 3.46
N GLN A 581 18.71 7.78 3.01
CA GLN A 581 19.76 8.62 3.53
C GLN A 581 19.15 9.66 4.44
N GLU A 582 19.95 10.61 4.92
CA GLU A 582 19.47 11.59 5.89
C GLU A 582 18.34 12.44 5.31
N HIS A 583 17.52 13.02 6.19
CA HIS A 583 16.22 13.55 5.78
C HIS A 583 16.09 15.02 6.14
N ALA A 584 15.34 15.75 5.31
CA ALA A 584 15.19 17.20 5.43
C ALA A 584 13.96 17.54 6.28
N CYS A 585 14.17 17.65 7.60
CA CYS A 585 13.09 17.53 8.56
C CYS A 585 12.59 18.85 9.15
N SER A 586 13.10 19.99 8.71
CA SER A 586 12.72 21.26 9.31
C SER A 586 12.06 22.14 8.25
N ARG A 587 10.80 22.51 8.47
CA ARG A 587 10.25 23.58 7.64
C ARG A 587 10.39 24.91 8.36
N THR A 588 10.11 25.99 7.64
CA THR A 588 10.02 27.29 8.29
C THR A 588 8.65 27.95 8.18
N TYR A 589 7.83 27.57 7.19
CA TYR A 589 6.47 28.09 7.04
C TYR A 589 5.48 26.95 6.86
N GLY A 590 4.25 27.18 7.29
CA GLY A 590 3.19 26.20 7.18
C GLY A 590 2.47 26.09 8.50
N LEU A 591 2.26 24.86 9.01
CA LEU A 591 1.86 24.62 10.39
C LEU A 591 2.77 23.59 11.04
N GLY A 592 2.68 23.52 12.35
CA GLY A 592 3.44 22.52 13.06
C GLY A 592 3.92 23.02 14.40
N THR A 593 4.81 22.24 15.00
CA THR A 593 5.48 22.65 16.22
C THR A 593 6.85 23.19 15.86
N HIS A 594 7.35 24.12 16.69
CA HIS A 594 8.65 24.76 16.51
C HIS A 594 9.75 23.93 17.15
N LEU A 595 10.94 23.98 16.56
CA LEU A 595 12.05 23.29 17.19
C LEU A 595 12.23 23.77 18.63
N PRO A 596 12.73 22.92 19.53
CA PRO A 596 13.00 23.40 20.91
C PRO A 596 13.99 24.57 21.00
N TRP A 597 15.15 24.49 20.34
CA TRP A 597 16.21 25.44 20.61
C TRP A 597 16.46 26.43 19.47
N ASP A 598 15.84 26.24 18.31
CA ASP A 598 15.93 27.19 17.20
C ASP A 598 14.51 27.37 16.68
N GLU A 599 13.87 28.46 17.07
CA GLU A 599 12.44 28.59 16.91
C GLU A 599 12.04 29.34 15.64
N GLN A 600 13.01 29.69 14.81
CA GLN A 600 12.65 29.97 13.43
C GLN A 600 12.12 28.72 12.75
N TRP A 601 12.55 27.54 13.20
CA TRP A 601 12.24 26.26 12.56
C TRP A 601 10.94 25.65 13.08
N LEU A 602 10.12 25.16 12.16
CA LEU A 602 8.98 24.31 12.47
C LEU A 602 9.27 22.89 12.01
N ILE A 603 8.52 21.92 12.55
CA ILE A 603 8.77 20.52 12.21
C ILE A 603 7.86 20.09 11.07
N GLU A 604 8.45 19.48 10.05
CA GLU A 604 7.67 18.92 8.97
C GLU A 604 6.95 17.67 9.46
N SER A 605 5.81 17.43 8.82
CA SER A 605 4.86 16.40 9.26
C SER A 605 5.55 15.05 9.45
N LEU A 606 6.22 14.55 8.41
CA LEU A 606 6.72 13.17 8.47
C LEU A 606 7.75 12.95 9.51
N SER A 607 8.00 13.86 10.42
CA SER A 607 8.90 13.52 11.48
C SER A 607 8.32 13.77 12.87
N ASP A 608 7.40 14.73 13.05
CA ASP A 608 6.83 14.92 14.38
C ASP A 608 5.74 13.92 14.71
N SER A 609 5.63 12.86 13.89
CA SER A 609 4.57 11.86 13.92
C SER A 609 5.16 10.46 13.91
N THR A 610 6.13 10.24 14.78
CA THR A 610 6.85 8.97 14.73
C THR A 610 6.78 8.22 16.05
N ILE A 611 7.11 8.86 17.14
CA ILE A 611 7.00 8.15 18.41
C ILE A 611 5.64 8.50 19.02
N TYR A 612 4.75 9.09 18.21
CA TYR A 612 3.59 9.73 18.83
C TYR A 612 2.72 8.75 19.60
N MET A 613 2.97 7.44 19.43
CA MET A 613 2.08 6.41 19.96
C MET A 613 2.08 6.35 21.48
N ALA A 614 3.15 6.83 22.13
CA ALA A 614 3.17 6.80 23.59
C ALA A 614 2.30 7.90 24.23
N PHE A 615 2.01 8.99 23.49
CA PHE A 615 1.10 9.99 24.03
C PHE A 615 -0.28 9.38 24.28
N TYR A 616 -0.81 8.61 23.30
CA TYR A 616 -1.99 7.78 23.49
C TYR A 616 -2.04 7.18 24.88
N THR A 617 -0.98 6.45 25.24
CA THR A 617 -0.91 5.74 26.51
C THR A 617 -1.14 6.66 27.71
N VAL A 618 -1.00 7.98 27.55
CA VAL A 618 -1.10 8.89 28.69
C VAL A 618 -2.04 10.05 28.41
N ALA A 619 -2.67 10.03 27.24
CA ALA A 619 -3.41 11.20 26.74
C ALA A 619 -4.63 11.50 27.59
N HIS A 620 -5.37 10.46 27.97
CA HIS A 620 -6.57 10.62 28.78
C HIS A 620 -6.27 11.33 30.07
N LEU A 621 -5.02 11.24 30.53
CA LEU A 621 -4.64 11.82 31.80
C LEU A 621 -3.85 13.11 31.61
N LEU A 622 -3.23 13.25 30.44
CA LEU A 622 -2.44 14.47 30.11
C LEU A 622 -3.33 15.45 29.34
N GLN A 623 -4.60 15.11 29.14
CA GLN A 623 -5.53 16.00 28.40
C GLN A 623 -6.99 15.58 28.66
N GLY A 624 -7.29 14.28 28.61
CA GLY A 624 -8.65 13.82 28.83
C GLY A 624 -9.75 14.37 27.92
N GLY A 625 -9.42 14.65 26.67
CA GLY A 625 -10.48 14.91 25.71
C GLY A 625 -10.33 16.19 24.92
N ASN A 626 -9.87 17.27 25.54
CA ASN A 626 -9.71 18.48 24.76
C ASN A 626 -8.52 18.24 23.82
N LEU A 627 -8.82 18.12 22.54
CA LEU A 627 -7.80 17.90 21.54
C LEU A 627 -6.80 19.05 21.54
N HIS A 628 -7.31 20.29 21.67
CA HIS A 628 -6.47 21.48 21.66
C HIS A 628 -5.63 21.60 22.91
N GLY A 629 -5.96 20.88 23.98
CA GLY A 629 -5.14 20.93 25.18
C GLY A 629 -5.29 22.21 25.97
N GLN A 630 -6.52 22.52 26.29
CA GLN A 630 -6.84 23.70 27.07
C GLN A 630 -7.79 23.40 28.22
N ALA A 631 -8.63 22.36 28.14
CA ALA A 631 -9.44 21.95 29.27
C ALA A 631 -8.54 21.55 30.45
N GLU A 632 -9.16 21.41 31.62
CA GLU A 632 -8.42 21.02 32.83
C GLU A 632 -7.94 19.58 32.67
N SER A 633 -6.63 19.40 32.50
CA SER A 633 -6.08 18.06 32.30
C SER A 633 -6.41 17.19 33.50
N PRO A 634 -7.01 16.01 33.30
CA PRO A 634 -7.55 15.23 34.42
C PRO A 634 -6.65 15.12 35.64
N LEU A 635 -5.39 14.70 35.46
CA LEU A 635 -4.55 14.53 36.63
C LEU A 635 -4.21 15.85 37.31
N GLY A 636 -4.15 16.94 36.56
CA GLY A 636 -3.81 18.23 37.11
C GLY A 636 -2.40 18.72 36.80
N ILE A 637 -1.77 18.22 35.75
CA ILE A 637 -0.44 18.67 35.35
C ILE A 637 -0.59 20.01 34.65
N ARG A 638 0.17 21.01 35.11
CA ARG A 638 0.44 22.23 34.34
C ARG A 638 1.20 21.86 33.06
N PRO A 639 0.69 22.23 31.86
CA PRO A 639 1.51 22.04 30.64
C PRO A 639 2.92 22.61 30.81
N GLN A 640 3.04 23.59 31.72
CA GLN A 640 4.32 24.17 32.11
C GLN A 640 5.21 23.21 32.90
N GLN A 641 4.69 22.09 33.41
CA GLN A 641 5.44 21.28 34.35
C GLN A 641 5.77 19.90 33.77
N MET A 642 6.12 19.86 32.49
CA MET A 642 6.51 18.61 31.86
C MET A 642 7.89 18.76 31.25
N THR A 643 8.85 19.08 32.10
CA THR A 643 10.27 19.14 31.75
C THR A 643 10.75 17.94 30.92
N LYS A 644 11.87 18.13 30.21
CA LYS A 644 12.42 17.08 29.37
C LYS A 644 12.64 15.76 30.14
N GLU A 645 13.09 15.82 31.40
CA GLU A 645 13.42 14.61 32.17
C GLU A 645 12.23 13.98 32.90
N VAL A 646 11.10 14.68 33.02
CA VAL A 646 9.88 14.00 33.49
C VAL A 646 9.22 13.21 32.37
N TRP A 647 9.65 13.41 31.12
CA TRP A 647 9.31 12.44 30.09
C TRP A 647 10.32 11.30 30.11
N ASP A 648 11.61 11.64 30.10
CA ASP A 648 12.67 10.70 30.44
C ASP A 648 12.18 9.78 31.56
N TYR A 649 11.55 10.34 32.61
CA TYR A 649 10.98 9.46 33.62
C TYR A 649 9.83 8.62 33.06
N VAL A 650 8.74 9.26 32.66
CA VAL A 650 7.50 8.50 32.38
C VAL A 650 7.72 7.47 31.29
N PHE A 651 8.62 7.74 30.34
CA PHE A 651 8.82 6.84 29.21
C PHE A 651 10.04 5.93 29.38
N PHE A 652 11.24 6.51 29.57
CA PHE A 652 12.44 5.71 29.82
C PHE A 652 12.32 5.10 31.21
N LYS A 653 12.41 3.76 31.30
CA LYS A 653 11.98 3.11 32.53
C LYS A 653 12.99 3.36 33.65
N GLU A 654 14.28 3.11 33.40
CA GLU A 654 15.32 3.25 34.40
C GLU A 654 15.68 4.72 34.70
N ALA A 655 15.17 5.67 33.91
CA ALA A 655 15.61 7.04 34.01
C ALA A 655 15.11 7.68 35.31
N PRO A 656 15.94 8.50 35.96
CA PRO A 656 15.70 8.83 37.38
C PRO A 656 14.44 9.64 37.62
N PHE A 657 13.89 9.46 38.80
CA PHE A 657 12.77 10.26 39.25
C PHE A 657 13.23 11.70 39.33
N PRO A 658 12.74 12.60 38.49
CA PRO A 658 13.22 13.98 38.52
C PRO A 658 12.66 14.78 39.70
N LYS A 659 13.46 15.74 40.15
CA LYS A 659 13.02 16.77 41.08
C LYS A 659 11.88 17.53 40.41
N THR A 660 10.64 17.19 40.78
CA THR A 660 9.46 17.75 40.14
C THR A 660 8.61 18.47 41.17
N GLN A 661 7.83 19.44 40.69
CA GLN A 661 6.87 20.13 41.55
C GLN A 661 5.47 19.57 41.34
N ILE A 662 5.36 18.36 40.78
CA ILE A 662 4.15 17.54 40.83
C ILE A 662 4.43 16.33 41.71
N ALA A 663 3.53 16.06 42.66
CA ALA A 663 3.77 14.94 43.56
C ALA A 663 3.88 13.63 42.77
N LYS A 664 4.40 12.58 43.44
CA LYS A 664 4.88 11.37 42.79
C LYS A 664 3.75 10.42 42.36
N GLU A 665 2.51 10.66 42.78
CA GLU A 665 1.41 9.77 42.43
C GLU A 665 1.25 9.70 40.92
N LYS A 666 0.89 10.83 40.29
CA LYS A 666 0.64 10.89 38.85
C LYS A 666 1.86 10.43 38.05
N LEU A 667 3.05 10.53 38.64
CA LEU A 667 4.27 10.20 37.92
C LEU A 667 4.37 8.70 37.68
N ASP A 668 4.19 7.88 38.72
CA ASP A 668 4.23 6.45 38.44
C ASP A 668 2.97 5.99 37.69
N GLN A 669 1.83 6.69 37.88
CA GLN A 669 0.56 6.27 37.26
C GLN A 669 0.57 6.47 35.74
N LEU A 670 1.14 7.58 35.29
CA LEU A 670 1.29 7.79 33.85
C LEU A 670 2.35 6.86 33.26
N LYS A 671 3.33 6.45 34.07
CA LYS A 671 4.34 5.54 33.55
C LYS A 671 3.80 4.12 33.50
N GLN A 672 3.09 3.71 34.56
CA GLN A 672 2.40 2.43 34.56
C GLN A 672 1.52 2.27 33.33
N GLU A 673 0.65 3.26 33.08
CA GLU A 673 -0.11 3.28 31.84
C GLU A 673 0.78 2.89 30.68
N PHE A 674 1.83 3.69 30.45
CA PHE A 674 2.80 3.41 29.40
C PHE A 674 3.30 1.98 29.51
N GLU A 675 3.94 1.65 30.65
CA GLU A 675 4.65 0.38 30.77
C GLU A 675 3.75 -0.82 30.52
N PHE A 676 2.46 -0.69 30.82
CA PHE A 676 1.54 -1.79 30.53
C PHE A 676 1.15 -1.79 29.05
N TRP A 677 0.82 -0.62 28.47
CA TRP A 677 0.28 -0.58 27.11
C TRP A 677 1.34 -0.84 26.05
N TYR A 678 2.48 -0.18 26.13
CA TYR A 678 3.50 -0.41 25.12
C TYR A 678 3.99 -1.85 25.23
N PRO A 679 4.45 -2.43 24.11
CA PRO A 679 4.73 -1.80 22.81
C PRO A 679 3.56 -1.65 21.86
N VAL A 680 3.83 -1.05 20.70
CA VAL A 680 2.90 -1.02 19.57
C VAL A 680 2.70 -2.45 19.07
N ASP A 681 1.51 -2.99 19.28
CA ASP A 681 1.24 -4.35 18.85
C ASP A 681 1.07 -4.40 17.34
N LEU A 682 0.04 -3.74 16.83
CA LEU A 682 -0.24 -3.76 15.40
C LEU A 682 -0.73 -2.38 14.98
N ARG A 683 -0.04 -1.79 14.02
CA ARG A 683 -0.49 -0.60 13.31
C ARG A 683 -0.71 -0.96 11.84
N VAL A 684 -1.55 -0.16 11.16
CA VAL A 684 -1.86 -0.50 9.79
C VAL A 684 -2.29 0.73 9.01
N SER A 685 -1.75 0.87 7.79
CA SER A 685 -2.15 1.94 6.88
C SER A 685 -1.81 1.56 5.45
N GLY A 686 -2.09 2.51 4.54
CA GLY A 686 -1.94 2.28 3.12
C GLY A 686 -0.52 1.96 2.72
N LYS A 687 -0.41 1.29 1.58
CA LYS A 687 0.87 0.83 1.07
C LYS A 687 1.76 1.99 0.64
N ASP A 688 1.29 3.24 0.78
CA ASP A 688 2.09 4.39 0.37
C ASP A 688 2.77 5.08 1.54
N LEU A 689 2.51 4.62 2.74
CA LEU A 689 3.32 5.04 3.86
C LEU A 689 4.28 3.95 4.22
N VAL A 690 4.50 3.00 3.32
CA VAL A 690 5.50 1.96 3.54
C VAL A 690 6.88 2.56 3.33
N PRO A 691 7.15 3.40 2.29
CA PRO A 691 8.55 3.82 2.10
C PRO A 691 8.89 4.97 3.00
N ASN A 692 7.91 5.76 3.46
CA ASN A 692 8.25 6.98 4.19
C ASN A 692 7.80 6.98 5.65
N HIS A 693 6.51 7.00 5.96
CA HIS A 693 6.18 7.28 7.36
C HIS A 693 6.38 6.06 8.23
N LEU A 694 5.81 4.92 7.85
CA LEU A 694 6.03 3.73 8.66
C LEU A 694 7.52 3.52 8.86
N SER A 695 8.32 3.88 7.85
CA SER A 695 9.76 3.74 7.94
C SER A 695 10.36 4.62 9.04
N TYR A 696 10.22 5.96 8.93
CA TYR A 696 10.69 6.85 10.00
C TYR A 696 10.09 6.48 11.34
N TYR A 697 8.98 5.75 11.32
CA TYR A 697 8.37 5.23 12.53
C TYR A 697 9.14 4.04 13.10
N LEU A 698 10.01 3.37 12.32
CA LEU A 698 10.84 2.28 12.87
C LEU A 698 12.17 2.77 13.46
N TYR A 699 12.94 3.54 12.67
CA TYR A 699 14.14 4.22 13.16
C TYR A 699 13.91 4.84 14.54
N ASN A 700 13.02 5.84 14.60
CA ASN A 700 12.76 6.56 15.84
C ASN A 700 12.53 5.62 17.01
N HIS A 701 11.58 4.68 16.90
CA HIS A 701 11.25 3.80 18.03
C HIS A 701 12.47 2.99 18.51
N VAL A 702 13.48 2.84 17.66
CA VAL A 702 14.81 2.41 18.13
C VAL A 702 15.52 3.58 18.81
N ALA A 703 15.48 4.76 18.18
CA ALA A 703 16.40 5.86 18.53
C ALA A 703 16.29 6.34 19.96
N MET A 704 15.15 6.16 20.62
CA MET A 704 15.09 6.57 22.00
C MET A 704 15.09 5.40 22.96
N TRP A 705 14.77 4.20 22.48
CA TRP A 705 15.06 2.94 23.17
C TRP A 705 16.00 2.10 22.32
N PRO A 706 17.25 2.55 22.09
CA PRO A 706 18.18 1.72 21.32
C PRO A 706 18.61 0.48 22.10
N GLU A 707 18.33 0.46 23.40
CA GLU A 707 18.58 -0.62 24.34
C GLU A 707 17.39 -1.55 24.49
N GLN A 708 16.23 -0.95 24.71
CA GLN A 708 15.00 -1.65 25.01
C GLN A 708 14.54 -2.39 23.76
N SER A 709 14.80 -3.69 23.72
CA SER A 709 14.27 -4.54 22.67
C SER A 709 12.75 -4.64 22.73
N ASP A 710 12.15 -4.61 23.93
CA ASP A 710 10.73 -4.98 24.04
C ASP A 710 9.80 -4.00 23.32
N LYS A 711 10.07 -2.69 23.35
CA LYS A 711 9.07 -1.69 22.94
C LYS A 711 9.08 -1.38 21.45
N TRP A 712 9.97 -1.99 20.66
CA TRP A 712 9.99 -1.71 19.24
C TRP A 712 8.71 -2.25 18.61
N PRO A 713 8.10 -1.49 17.70
CA PRO A 713 6.89 -1.98 17.05
C PRO A 713 7.13 -3.39 16.53
N THR A 714 6.18 -4.25 16.82
CA THR A 714 6.36 -5.68 16.64
C THR A 714 5.66 -6.20 15.40
N ALA A 715 4.63 -5.50 14.93
CA ALA A 715 3.89 -5.95 13.75
C ALA A 715 3.13 -4.80 13.12
N VAL A 716 3.21 -4.73 11.80
CA VAL A 716 2.47 -3.73 11.05
C VAL A 716 1.73 -4.43 9.93
N ARG A 717 0.86 -3.66 9.26
CA ARG A 717 0.09 -4.18 8.14
C ARG A 717 -0.21 -3.07 7.13
N ALA A 718 -0.03 -3.38 5.84
CA ALA A 718 -0.35 -2.47 4.74
C ALA A 718 -1.24 -3.14 3.73
N ASN A 719 -2.30 -2.44 3.32
CA ASN A 719 -3.19 -2.85 2.25
C ASN A 719 -2.92 -2.03 0.99
N GLY A 720 -3.60 -2.38 -0.10
CA GLY A 720 -3.63 -1.53 -1.28
C GLY A 720 -4.58 -0.35 -1.11
N HIS A 721 -4.64 0.46 -2.16
CA HIS A 721 -5.68 1.49 -2.20
C HIS A 721 -7.05 0.84 -2.28
N LEU A 722 -8.08 1.67 -2.17
CA LEU A 722 -9.44 1.18 -2.31
C LEU A 722 -10.06 1.68 -3.61
N LEU A 723 -10.95 0.87 -4.18
CA LEU A 723 -11.64 1.22 -5.42
C LEU A 723 -13.14 1.24 -5.14
N LEU A 724 -13.80 2.29 -5.59
CA LEU A 724 -15.26 2.36 -5.48
C LEU A 724 -15.82 1.82 -6.80
N ASN A 725 -16.45 0.64 -6.73
CA ASN A 725 -17.12 0.03 -7.87
C ASN A 725 -16.13 -0.38 -8.96
N SER A 726 -14.96 -0.86 -8.53
CA SER A 726 -13.90 -1.32 -9.43
C SER A 726 -13.24 -0.18 -10.22
N GLU A 727 -13.14 1.01 -9.63
CA GLU A 727 -12.33 2.05 -10.26
C GLU A 727 -11.85 3.01 -9.18
N LYS A 728 -10.90 3.87 -9.57
CA LYS A 728 -10.13 4.62 -8.58
C LYS A 728 -10.99 5.71 -7.95
N MET A 729 -10.47 6.24 -6.86
CA MET A 729 -11.19 7.12 -5.98
C MET A 729 -10.37 8.41 -5.89
N SER A 730 -10.57 9.31 -6.86
CA SER A 730 -10.15 10.71 -6.76
C SER A 730 -11.37 11.57 -7.08
N LYS A 731 -11.68 12.52 -6.20
CA LYS A 731 -12.79 13.46 -6.30
C LYS A 731 -12.94 13.95 -7.73
N SER A 732 -11.79 14.12 -8.37
CA SER A 732 -11.62 14.47 -9.77
C SER A 732 -12.42 13.55 -10.69
N THR A 733 -12.85 12.40 -10.19
CA THR A 733 -13.49 11.39 -11.02
C THR A 733 -14.99 11.31 -10.83
N GLY A 734 -15.49 11.56 -9.63
CA GLY A 734 -16.86 11.24 -9.28
C GLY A 734 -17.04 9.89 -8.63
N ASN A 735 -15.95 9.22 -8.28
CA ASN A 735 -15.94 7.85 -7.76
C ASN A 735 -15.31 7.95 -6.38
N PHE A 736 -16.11 8.35 -5.39
CA PHE A 736 -15.57 8.77 -4.09
C PHE A 736 -16.70 8.93 -3.08
N LEU A 737 -16.44 8.61 -1.80
CA LEU A 737 -17.42 8.92 -0.76
C LEU A 737 -16.75 9.17 0.60
N THR A 738 -16.96 10.38 1.12
CA THR A 738 -16.56 10.71 2.47
C THR A 738 -17.27 9.76 3.44
N LEU A 739 -16.60 9.51 4.55
CA LEU A 739 -17.14 8.56 5.50
C LEU A 739 -18.54 8.99 5.92
N THR A 740 -18.73 10.26 6.19
CA THR A 740 -20.03 10.66 6.72
C THR A 740 -21.15 10.32 5.78
N GLN A 741 -20.88 10.11 4.49
CA GLN A 741 -21.95 9.75 3.59
C GLN A 741 -22.04 8.26 3.29
N ALA A 742 -20.91 7.56 3.10
CA ALA A 742 -20.99 6.10 3.09
C ALA A 742 -21.94 5.66 4.19
N ILE A 743 -21.70 6.16 5.41
CA ILE A 743 -22.60 5.87 6.54
C ILE A 743 -24.04 6.24 6.19
N ASP A 744 -24.29 7.52 5.87
CA ASP A 744 -25.67 7.97 5.62
C ASP A 744 -26.38 7.06 4.63
N LYS A 745 -25.67 6.64 3.61
CA LYS A 745 -26.30 5.85 2.57
C LYS A 745 -26.46 4.40 2.99
N PHE A 746 -25.56 3.84 3.81
CA PHE A 746 -25.51 2.40 3.97
C PHE A 746 -25.45 1.92 5.39
N SER A 747 -25.77 2.77 6.37
CA SER A 747 -25.92 2.23 7.71
C SER A 747 -24.62 1.60 8.15
N ALA A 748 -23.69 2.40 8.68
CA ALA A 748 -22.30 2.03 8.85
C ALA A 748 -22.02 0.54 9.01
N ASP A 749 -22.82 -0.18 9.81
CA ASP A 749 -22.73 -1.64 9.78
C ASP A 749 -22.72 -2.14 8.34
N GLY A 750 -23.72 -1.73 7.53
CA GLY A 750 -23.75 -2.09 6.12
C GLY A 750 -22.45 -1.74 5.40
N MET A 751 -21.98 -0.50 5.60
CA MET A 751 -20.64 -0.13 5.12
C MET A 751 -19.59 -1.09 5.66
N ARG A 752 -19.50 -1.22 7.00
CA ARG A 752 -18.50 -2.10 7.61
C ARG A 752 -18.46 -3.43 6.88
N LEU A 753 -19.63 -3.90 6.47
CA LEU A 753 -19.70 -5.14 5.70
C LEU A 753 -18.83 -5.03 4.46
N ALA A 754 -19.24 -4.19 3.49
CA ALA A 754 -18.52 -4.06 2.23
C ALA A 754 -17.02 -3.83 2.43
N LEU A 755 -16.61 -3.17 3.53
CA LEU A 755 -15.18 -3.06 3.82
C LEU A 755 -14.54 -4.40 4.21
N ALA A 756 -15.14 -5.16 5.15
CA ALA A 756 -14.57 -6.47 5.45
C ALA A 756 -14.58 -7.38 4.25
N ASP A 757 -15.40 -7.09 3.24
CA ASP A 757 -15.31 -7.82 1.99
C ASP A 757 -14.41 -7.11 0.99
N ALA A 758 -13.76 -6.01 1.39
CA ALA A 758 -13.03 -5.22 0.42
C ALA A 758 -11.87 -6.02 -0.16
N GLY A 759 -11.74 -7.25 0.27
CA GLY A 759 -10.45 -7.86 0.15
C GLY A 759 -9.68 -7.57 1.41
N ASP A 760 -8.89 -8.52 1.82
CA ASP A 760 -8.00 -8.28 2.94
C ASP A 760 -6.55 -8.29 2.48
N THR A 761 -6.31 -8.48 1.18
CA THR A 761 -4.92 -8.59 0.74
C THR A 761 -4.29 -7.23 0.48
N VAL A 762 -2.96 -7.25 0.38
CA VAL A 762 -2.17 -6.05 0.07
C VAL A 762 -2.35 -5.56 -1.38
N GLU A 763 -2.88 -6.40 -2.28
CA GLU A 763 -3.16 -5.95 -3.64
C GLU A 763 -4.52 -5.28 -3.68
N ASP A 764 -4.72 -4.42 -4.68
CA ASP A 764 -5.79 -3.43 -4.64
C ASP A 764 -7.13 -4.03 -4.24
N ALA A 765 -7.60 -3.59 -3.08
CA ALA A 765 -8.82 -4.09 -2.47
C ALA A 765 -9.97 -3.19 -2.90
N ASN A 766 -11.04 -3.80 -3.41
CA ASN A 766 -12.14 -3.10 -4.03
C ASN A 766 -13.38 -3.10 -3.15
N PHE A 767 -14.11 -2.00 -3.21
CA PHE A 767 -15.35 -1.78 -2.47
C PHE A 767 -16.43 -1.55 -3.51
N VAL A 768 -17.54 -2.25 -3.43
CA VAL A 768 -18.58 -2.12 -4.44
C VAL A 768 -19.92 -1.82 -3.78
N GLU A 769 -20.56 -0.74 -4.23
CA GLU A 769 -21.80 -0.26 -3.64
C GLU A 769 -22.83 -1.37 -3.51
N ALA A 770 -23.18 -2.03 -4.63
CA ALA A 770 -24.25 -3.03 -4.62
C ALA A 770 -24.10 -4.03 -3.48
N MET A 771 -22.92 -4.64 -3.32
CA MET A 771 -22.81 -5.67 -2.29
C MET A 771 -22.90 -5.10 -0.87
N ALA A 772 -22.71 -3.79 -0.67
CA ALA A 772 -23.10 -3.21 0.62
C ALA A 772 -24.62 -3.01 0.71
N ASP A 773 -25.31 -2.94 -0.45
CA ASP A 773 -26.77 -2.95 -0.43
C ASP A 773 -27.29 -4.35 -0.09
N ALA A 774 -26.99 -5.35 -0.94
CA ALA A 774 -27.32 -6.74 -0.60
C ALA A 774 -26.84 -7.11 0.80
N GLY A 775 -25.73 -6.51 1.23
CA GLY A 775 -25.37 -6.52 2.63
C GLY A 775 -26.54 -6.19 3.54
N ILE A 776 -27.03 -4.96 3.53
CA ILE A 776 -28.09 -4.63 4.49
C ILE A 776 -29.31 -5.54 4.35
N LEU A 777 -29.51 -6.15 3.16
CA LEU A 777 -30.70 -6.99 2.97
C LEU A 777 -30.55 -8.32 3.69
N ARG A 778 -29.52 -9.11 3.35
CA ARG A 778 -29.37 -10.36 4.10
C ARG A 778 -29.30 -10.08 5.61
N LEU A 779 -28.85 -8.87 6.01
CA LEU A 779 -28.91 -8.45 7.40
C LEU A 779 -30.34 -8.34 7.89
N TYR A 780 -31.18 -7.60 7.16
CA TYR A 780 -32.54 -7.38 7.65
C TYR A 780 -33.40 -8.64 7.55
N THR A 781 -33.20 -9.48 6.51
CA THR A 781 -33.90 -10.76 6.56
C THR A 781 -33.48 -11.56 7.77
N TRP A 782 -32.20 -11.52 8.12
CA TRP A 782 -31.78 -12.17 9.34
C TRP A 782 -32.59 -11.67 10.53
N VAL A 783 -32.46 -10.38 10.87
CA VAL A 783 -33.05 -9.92 12.12
C VAL A 783 -34.51 -10.36 12.24
N GLU A 784 -35.27 -10.32 11.14
CA GLU A 784 -36.69 -10.67 11.20
C GLU A 784 -36.86 -12.17 11.38
N TRP A 785 -36.03 -12.96 10.68
CA TRP A 785 -35.96 -14.39 10.96
C TRP A 785 -35.67 -14.64 12.44
N VAL A 786 -34.60 -14.03 12.96
CA VAL A 786 -34.28 -14.19 14.38
C VAL A 786 -35.43 -13.66 15.23
N LYS A 787 -36.09 -12.59 14.81
CA LYS A 787 -37.31 -12.20 15.53
C LYS A 787 -38.35 -13.32 15.46
N GLU A 788 -38.62 -13.81 14.23
CA GLU A 788 -39.68 -14.79 14.01
C GLU A 788 -39.39 -16.13 14.67
N MET A 789 -38.13 -16.55 14.70
CA MET A 789 -37.77 -17.84 15.26
C MET A 789 -37.73 -17.82 16.78
N VAL A 790 -37.99 -16.68 17.41
CA VAL A 790 -38.23 -16.69 18.84
C VAL A 790 -39.70 -16.51 19.15
N ALA A 791 -40.51 -16.04 18.19
CA ALA A 791 -41.95 -16.12 18.36
C ALA A 791 -42.40 -17.56 18.41
N ASN A 792 -42.26 -18.23 17.29
CA ASN A 792 -42.66 -19.62 17.19
C ASN A 792 -41.69 -20.52 17.95
N TRP A 793 -41.51 -20.20 19.24
CA TRP A 793 -40.83 -21.17 20.11
C TRP A 793 -41.65 -22.43 20.19
N ASP A 794 -42.98 -22.26 20.21
CA ASP A 794 -44.02 -23.27 20.26
C ASP A 794 -44.04 -24.10 18.99
N SER A 795 -43.07 -23.86 18.13
CA SER A 795 -42.97 -24.48 16.83
C SER A 795 -41.72 -25.32 16.69
N LEU A 796 -41.02 -25.56 17.79
CA LEU A 796 -39.74 -26.22 17.71
C LEU A 796 -39.79 -27.50 18.54
N ARG A 797 -39.10 -28.52 18.04
CA ARG A 797 -39.35 -29.88 18.51
C ARG A 797 -38.83 -30.09 19.91
N SER A 798 -39.65 -30.81 20.69
CA SER A 798 -39.29 -31.25 22.04
C SER A 798 -38.29 -32.41 21.89
N GLY A 799 -38.07 -33.14 22.99
CA GLY A 799 -37.18 -34.27 22.99
C GLY A 799 -35.75 -33.93 22.64
N PRO A 800 -35.04 -34.88 22.05
CA PRO A 800 -33.62 -34.70 21.77
C PRO A 800 -33.34 -34.21 20.35
N ALA A 801 -32.10 -33.79 20.16
CA ALA A 801 -31.61 -33.26 18.88
C ALA A 801 -30.81 -34.32 18.14
N SER A 802 -31.49 -35.39 17.80
CA SER A 802 -30.80 -36.63 17.51
C SER A 802 -30.75 -37.00 16.04
N THR A 803 -31.65 -36.44 15.23
CA THR A 803 -31.74 -36.83 13.84
C THR A 803 -30.48 -36.48 13.08
N PHE A 804 -30.41 -36.99 11.86
CA PHE A 804 -29.21 -36.87 11.05
C PHE A 804 -29.02 -35.44 10.57
N ASN A 805 -29.98 -34.90 9.84
CA ASN A 805 -29.91 -33.52 9.34
C ASN A 805 -29.42 -32.57 10.40
N ASP A 806 -29.95 -32.75 11.60
CA ASP A 806 -29.46 -32.11 12.79
C ASP A 806 -27.94 -32.21 12.88
N ARG A 807 -27.43 -33.44 12.94
CA ARG A 807 -26.02 -33.61 13.28
C ARG A 807 -25.10 -33.10 12.19
N VAL A 808 -25.54 -33.08 10.93
CA VAL A 808 -24.68 -32.54 9.89
C VAL A 808 -24.59 -31.03 10.00
N PHE A 809 -25.74 -30.38 10.20
CA PHE A 809 -25.72 -28.96 10.49
C PHE A 809 -24.90 -28.69 11.76
N ALA A 810 -25.08 -29.51 12.80
CA ALA A 810 -24.42 -29.23 14.08
C ALA A 810 -22.90 -29.42 13.99
N SER A 811 -22.45 -30.39 13.22
CA SER A 811 -21.01 -30.45 12.97
C SER A 811 -20.58 -29.43 11.92
N GLU A 812 -21.42 -29.07 10.95
CA GLU A 812 -21.14 -27.89 10.12
C GLU A 812 -20.87 -26.70 11.00
N LEU A 813 -21.89 -26.30 11.76
CA LEU A 813 -21.81 -25.25 12.74
C LEU A 813 -20.43 -25.16 13.39
N ASN A 814 -19.98 -26.24 14.04
CA ASN A 814 -18.68 -26.17 14.69
C ASN A 814 -17.54 -26.23 13.71
N ALA A 815 -17.66 -26.99 12.64
CA ALA A 815 -16.72 -26.79 11.54
C ALA A 815 -16.63 -25.31 11.19
N GLY A 816 -17.75 -24.60 11.18
CA GLY A 816 -17.74 -23.22 10.74
C GLY A 816 -17.12 -22.30 11.76
N ILE A 817 -17.45 -22.50 13.03
CA ILE A 817 -16.90 -21.62 14.06
C ILE A 817 -15.37 -21.63 14.00
N ILE A 818 -14.76 -22.81 13.85
CA ILE A 818 -13.30 -22.86 13.80
C ILE A 818 -12.77 -22.29 12.47
N LYS A 819 -13.25 -22.77 11.33
CA LYS A 819 -12.93 -22.09 10.06
C LYS A 819 -12.95 -20.60 10.27
N THR A 820 -14.09 -20.11 10.75
CA THR A 820 -14.19 -18.69 11.05
C THR A 820 -13.07 -18.27 11.98
N ASP A 821 -12.79 -19.08 13.02
CA ASP A 821 -11.75 -18.69 13.98
C ASP A 821 -10.39 -18.58 13.28
N GLN A 822 -10.04 -19.55 12.43
CA GLN A 822 -8.71 -19.55 11.83
C GLN A 822 -8.45 -18.28 11.04
N ASN A 823 -9.45 -17.76 10.34
CA ASN A 823 -9.11 -16.61 9.53
C ASN A 823 -9.12 -15.34 10.36
N TYR A 824 -9.97 -15.30 11.40
CA TYR A 824 -9.96 -14.13 12.28
C TYR A 824 -8.60 -13.97 12.96
N GLU A 825 -8.05 -15.05 13.51
CA GLU A 825 -6.70 -14.99 14.04
C GLU A 825 -5.74 -14.38 13.02
N LYS A 826 -5.95 -14.68 11.74
CA LYS A 826 -5.04 -14.26 10.68
C LYS A 826 -5.50 -13.00 9.97
N MET A 827 -6.49 -12.29 10.53
CA MET A 827 -6.88 -10.93 10.10
C MET A 827 -7.06 -10.79 8.59
N MET A 828 -7.50 -11.84 7.90
CA MET A 828 -7.76 -11.72 6.49
C MET A 828 -9.27 -11.75 6.37
N PHE A 829 -9.87 -10.57 6.52
CA PHE A 829 -11.26 -10.51 6.94
C PHE A 829 -12.20 -11.04 5.88
N LYS A 830 -11.85 -10.89 4.59
CA LYS A 830 -12.74 -11.38 3.55
C LYS A 830 -13.00 -12.88 3.69
N GLU A 831 -11.92 -13.66 3.74
CA GLU A 831 -12.02 -15.12 3.86
C GLU A 831 -12.68 -15.54 5.17
N ALA A 832 -12.46 -14.77 6.23
CA ALA A 832 -13.22 -15.02 7.45
C ALA A 832 -14.65 -14.55 7.30
N LEU A 833 -14.90 -13.54 6.48
CA LEU A 833 -16.28 -13.25 6.18
C LEU A 833 -16.92 -14.45 5.51
N LYS A 834 -16.37 -14.89 4.38
CA LYS A 834 -16.93 -16.03 3.64
C LYS A 834 -17.26 -17.19 4.56
N THR A 835 -16.34 -17.57 5.45
CA THR A 835 -16.56 -18.76 6.29
C THR A 835 -17.72 -18.56 7.24
N GLY A 836 -17.79 -17.39 7.89
CA GLY A 836 -18.72 -17.22 8.99
C GLY A 836 -20.02 -16.55 8.68
N PHE A 837 -20.20 -16.02 7.49
CA PHE A 837 -21.51 -15.50 7.19
C PHE A 837 -22.17 -16.20 6.02
N PHE A 838 -21.54 -16.18 4.83
CA PHE A 838 -22.13 -16.85 3.68
C PHE A 838 -22.39 -18.32 3.99
N GLU A 839 -21.35 -19.01 4.50
CA GLU A 839 -21.49 -20.43 4.82
C GLU A 839 -22.47 -20.67 5.98
N PHE A 840 -22.63 -19.71 6.90
CA PHE A 840 -23.64 -19.93 7.92
C PHE A 840 -25.07 -19.71 7.38
N GLN A 841 -25.30 -18.77 6.46
CA GLN A 841 -26.65 -18.65 5.94
C GLN A 841 -27.05 -19.92 5.17
N ALA A 842 -26.31 -20.25 4.10
CA ALA A 842 -26.66 -21.42 3.29
C ALA A 842 -26.88 -22.66 4.16
N ALA A 843 -26.02 -22.87 5.16
CA ALA A 843 -26.22 -24.03 6.02
C ALA A 843 -27.34 -23.81 7.05
N LYS A 844 -27.72 -22.58 7.37
CA LYS A 844 -28.94 -22.49 8.17
C LYS A 844 -30.15 -22.66 7.28
N ASP A 845 -30.18 -21.98 6.12
CA ASP A 845 -31.21 -22.27 5.12
C ASP A 845 -31.36 -23.77 4.88
N LYS A 846 -30.24 -24.43 4.53
CA LYS A 846 -30.30 -25.83 4.14
C LYS A 846 -30.63 -26.76 5.32
N TYR A 847 -30.37 -26.35 6.57
CA TYR A 847 -30.96 -27.15 7.65
C TYR A 847 -32.35 -26.67 8.06
N ARG A 848 -32.84 -25.49 7.65
CA ARG A 848 -34.29 -25.42 7.62
C ARG A 848 -34.84 -26.16 6.40
N GLU A 849 -33.99 -26.36 5.39
CA GLU A 849 -34.42 -27.07 4.21
C GLU A 849 -34.81 -28.50 4.54
N LEU A 850 -33.93 -29.24 5.21
CA LEU A 850 -34.09 -30.67 5.37
C LEU A 850 -34.60 -31.09 6.75
N ALA A 851 -34.91 -30.15 7.64
CA ALA A 851 -35.64 -30.48 8.87
C ALA A 851 -37.12 -30.23 8.64
N VAL A 852 -37.71 -31.20 7.94
CA VAL A 852 -39.13 -31.16 7.60
C VAL A 852 -40.00 -31.51 8.81
N GLU A 853 -39.44 -32.14 9.84
CA GLU A 853 -40.08 -32.28 11.14
C GLU A 853 -39.76 -31.12 12.09
N GLY A 854 -39.48 -29.95 11.54
CA GLY A 854 -39.04 -28.83 12.35
C GLY A 854 -37.55 -28.75 12.64
N MET A 855 -36.96 -27.58 12.40
CA MET A 855 -35.65 -27.29 12.96
C MET A 855 -35.67 -27.49 14.47
N HIS A 856 -34.71 -28.28 14.99
CA HIS A 856 -34.58 -28.42 16.45
C HIS A 856 -34.20 -27.11 17.09
N ARG A 857 -34.85 -26.75 18.20
CA ARG A 857 -34.60 -25.41 18.75
C ARG A 857 -33.22 -25.31 19.43
N GLU A 858 -32.79 -26.33 20.20
CA GLU A 858 -31.48 -26.29 20.83
C GLU A 858 -30.33 -26.34 19.82
N LEU A 859 -30.54 -26.83 18.61
CA LEU A 859 -29.54 -26.47 17.61
C LEU A 859 -29.84 -25.10 17.04
N VAL A 860 -31.12 -24.74 16.89
CA VAL A 860 -31.43 -23.44 16.30
C VAL A 860 -30.97 -22.30 17.19
N PHE A 861 -30.80 -22.54 18.48
CA PHE A 861 -30.46 -21.41 19.31
C PHE A 861 -28.97 -21.27 19.51
N ARG A 862 -28.29 -22.37 19.79
CA ARG A 862 -26.84 -22.27 19.82
C ARG A 862 -26.32 -21.85 18.46
N PHE A 863 -27.10 -22.00 17.38
CA PHE A 863 -26.58 -21.50 16.11
C PHE A 863 -26.76 -19.98 16.00
N ILE A 864 -27.84 -19.41 16.52
CA ILE A 864 -27.88 -17.97 16.34
C ILE A 864 -26.98 -17.31 17.35
N GLU A 865 -26.80 -17.91 18.53
CA GLU A 865 -25.77 -17.40 19.43
C GLU A 865 -24.48 -17.21 18.65
N VAL A 866 -23.91 -18.32 18.13
CA VAL A 866 -22.58 -18.26 17.52
C VAL A 866 -22.55 -17.20 16.40
N GLN A 867 -23.60 -17.15 15.56
CA GLN A 867 -23.52 -16.24 14.43
C GLN A 867 -23.62 -14.81 14.88
N THR A 868 -24.66 -14.50 15.64
CA THR A 868 -24.73 -13.18 16.24
C THR A 868 -23.40 -12.81 16.90
N LEU A 869 -22.66 -13.80 17.42
CA LEU A 869 -21.30 -13.54 17.89
C LEU A 869 -20.32 -13.39 16.73
N LEU A 870 -20.13 -14.44 15.93
CA LEU A 870 -19.14 -14.46 14.87
C LEU A 870 -19.14 -13.14 14.11
N LEU A 871 -20.32 -12.56 14.05
CA LEU A 871 -20.60 -11.39 13.24
C LEU A 871 -20.45 -10.10 14.01
N ALA A 872 -20.59 -10.13 15.34
CA ALA A 872 -20.45 -8.92 16.13
C ALA A 872 -19.17 -8.11 15.85
N PRO A 873 -18.00 -8.72 15.60
CA PRO A 873 -16.87 -7.88 15.17
C PRO A 873 -17.15 -7.14 13.89
N PHE A 874 -17.82 -7.77 12.92
CA PHE A 874 -18.10 -7.03 11.71
C PHE A 874 -19.12 -5.94 11.95
N CYS A 875 -20.18 -6.19 12.70
CA CYS A 875 -21.33 -5.27 12.72
C CYS A 875 -21.92 -5.13 14.12
N PRO A 876 -21.23 -4.43 15.03
CA PRO A 876 -21.58 -4.48 16.46
C PRO A 876 -23.01 -4.09 16.85
N HIS A 877 -23.50 -2.88 16.48
CA HIS A 877 -24.82 -2.46 16.99
C HIS A 877 -25.90 -3.49 16.64
N LEU A 878 -25.99 -3.86 15.36
CA LEU A 878 -27.02 -4.81 14.94
C LEU A 878 -26.90 -6.11 15.71
N CYS A 879 -25.69 -6.54 16.02
CA CYS A 879 -25.50 -7.72 16.85
C CYS A 879 -25.86 -7.47 18.31
N GLU A 880 -25.40 -6.36 18.89
CA GLU A 880 -25.88 -5.99 20.22
C GLU A 880 -27.40 -5.90 20.26
N HIS A 881 -28.03 -5.40 19.17
CA HIS A 881 -29.48 -5.43 19.11
C HIS A 881 -30.00 -6.85 19.29
N ILE A 882 -29.48 -7.77 18.46
CA ILE A 882 -29.88 -9.17 18.48
C ILE A 882 -29.61 -9.79 19.84
N TRP A 883 -28.37 -9.63 20.32
CA TRP A 883 -27.99 -10.14 21.63
C TRP A 883 -28.91 -9.62 22.72
N THR A 884 -29.29 -8.34 22.63
CA THR A 884 -30.29 -7.83 23.55
C THR A 884 -31.65 -8.33 23.16
N LEU A 885 -31.89 -8.46 21.85
CA LEU A 885 -33.16 -8.99 21.35
C LEU A 885 -33.48 -10.31 22.03
N LEU A 886 -32.48 -11.17 22.15
CA LEU A 886 -32.60 -12.43 22.87
C LEU A 886 -32.87 -12.24 24.36
N GLY A 887 -32.67 -11.06 24.92
CA GLY A 887 -32.83 -10.93 26.35
C GLY A 887 -31.70 -11.55 27.13
N LYS A 888 -30.55 -11.73 26.48
CA LYS A 888 -29.30 -11.92 27.20
C LYS A 888 -28.99 -10.60 27.90
N PRO A 889 -28.30 -10.63 29.08
CA PRO A 889 -28.22 -9.40 29.90
C PRO A 889 -27.18 -8.34 29.50
N ASP A 890 -25.90 -8.67 29.59
CA ASP A 890 -24.87 -7.66 29.44
C ASP A 890 -24.83 -7.14 28.01
N SER A 891 -24.27 -5.95 27.86
CA SER A 891 -23.93 -5.57 26.50
C SER A 891 -23.06 -6.67 25.89
N ILE A 892 -23.03 -6.68 24.56
CA ILE A 892 -22.46 -7.80 23.82
C ILE A 892 -20.94 -7.79 23.89
N MET A 893 -20.33 -6.61 23.85
CA MET A 893 -18.89 -6.49 24.02
C MET A 893 -18.41 -7.07 25.36
N ASN A 894 -19.32 -7.48 26.26
CA ASN A 894 -18.98 -8.31 27.41
C ASN A 894 -19.22 -9.80 27.15
N ALA A 895 -19.09 -10.26 25.89
CA ALA A 895 -19.11 -11.67 25.52
C ALA A 895 -17.70 -12.13 25.16
N SER A 896 -17.60 -13.43 24.90
CA SER A 896 -16.33 -14.14 24.77
C SER A 896 -16.36 -14.95 23.49
N TRP A 897 -15.36 -15.78 23.27
CA TRP A 897 -15.37 -16.56 22.05
C TRP A 897 -16.13 -17.86 22.27
N PRO A 898 -17.16 -18.13 21.46
CA PRO A 898 -18.06 -19.26 21.71
C PRO A 898 -17.33 -20.60 21.62
N VAL A 899 -17.85 -21.60 22.33
CA VAL A 899 -17.12 -22.88 22.42
C VAL A 899 -17.41 -23.74 21.18
N ALA A 900 -16.37 -23.94 20.36
CA ALA A 900 -16.43 -24.79 19.18
C ALA A 900 -16.56 -26.25 19.59
N GLY A 901 -17.80 -26.77 19.57
CA GLY A 901 -18.13 -28.09 20.07
C GLY A 901 -17.39 -29.19 19.34
N PRO A 902 -17.80 -30.44 19.55
CA PRO A 902 -17.05 -31.55 18.95
C PRO A 902 -17.47 -31.71 17.49
N VAL A 903 -16.48 -31.86 16.61
CA VAL A 903 -16.68 -31.87 15.16
C VAL A 903 -16.41 -33.26 14.63
N ASN A 904 -17.31 -33.77 13.75
CA ASN A 904 -17.06 -35.00 13.00
C ASN A 904 -17.05 -34.73 11.50
N GLU A 905 -15.85 -34.58 10.95
CA GLU A 905 -15.69 -34.05 9.61
C GLU A 905 -16.06 -35.06 8.51
N VAL A 906 -16.18 -36.36 8.83
CA VAL A 906 -16.76 -37.33 7.91
C VAL A 906 -18.22 -37.02 7.71
N LEU A 907 -18.80 -36.27 8.65
CA LEU A 907 -20.11 -35.72 8.36
C LEU A 907 -19.99 -34.60 7.34
N ILE A 908 -18.94 -33.78 7.46
CA ILE A 908 -18.79 -32.65 6.53
C ILE A 908 -18.29 -33.12 5.18
N HIS A 909 -17.45 -34.16 5.13
CA HIS A 909 -17.13 -34.84 3.88
C HIS A 909 -18.37 -35.02 3.00
N SER A 910 -19.42 -35.60 3.57
CA SER A 910 -20.68 -35.69 2.84
C SER A 910 -21.14 -34.30 2.42
N SER A 911 -20.94 -33.29 3.27
CA SER A 911 -21.48 -31.96 2.98
C SER A 911 -20.80 -31.33 1.78
N GLN A 912 -19.46 -31.37 1.74
CA GLN A 912 -18.69 -30.91 0.59
C GLN A 912 -18.63 -31.94 -0.53
N TYR A 913 -19.25 -33.10 -0.37
CA TYR A 913 -19.53 -33.94 -1.54
C TYR A 913 -20.85 -33.59 -2.19
N LEU A 914 -21.87 -33.23 -1.42
CA LEU A 914 -23.10 -32.90 -2.10
C LEU A 914 -23.01 -31.51 -2.74
N MET A 915 -22.31 -30.56 -2.11
CA MET A 915 -22.06 -29.27 -2.74
C MET A 915 -21.28 -29.44 -4.04
N GLU A 916 -20.44 -30.48 -4.11
CA GLU A 916 -19.74 -30.78 -5.36
C GLU A 916 -20.72 -31.17 -6.46
N VAL A 917 -21.64 -32.08 -6.16
CA VAL A 917 -22.60 -32.48 -7.20
C VAL A 917 -23.65 -31.39 -7.39
N THR A 918 -24.07 -30.73 -6.31
CA THR A 918 -24.86 -29.52 -6.45
C THR A 918 -24.25 -28.63 -7.51
N HIS A 919 -22.94 -28.40 -7.40
CA HIS A 919 -22.17 -27.65 -8.39
C HIS A 919 -21.93 -28.45 -9.67
N ASP A 920 -22.02 -29.78 -9.59
CA ASP A 920 -21.74 -30.62 -10.75
C ASP A 920 -22.83 -30.48 -11.80
N LEU A 921 -24.08 -30.71 -11.42
CA LEU A 921 -25.13 -30.78 -12.42
C LEU A 921 -25.75 -29.43 -12.76
N ARG A 922 -25.52 -28.40 -11.94
CA ARG A 922 -25.78 -27.02 -12.37
C ARG A 922 -25.12 -26.75 -13.72
N LEU A 923 -24.14 -27.58 -14.11
CA LEU A 923 -23.36 -27.42 -15.32
C LEU A 923 -23.98 -28.14 -16.53
N ARG A 924 -24.09 -29.50 -16.49
CA ARG A 924 -24.46 -30.22 -17.73
C ARG A 924 -25.91 -30.00 -18.14
N LEU A 925 -26.57 -29.02 -17.54
CA LEU A 925 -27.91 -28.62 -17.94
C LEU A 925 -27.91 -27.43 -18.91
N LYS A 926 -26.76 -26.78 -19.15
CA LYS A 926 -26.71 -25.65 -20.08
C LYS A 926 -27.16 -26.07 -21.48
N ASN A 927 -26.57 -27.13 -22.00
CA ASN A 927 -27.03 -27.63 -23.29
C ASN A 927 -28.49 -28.09 -23.16
N TYR A 928 -28.75 -29.17 -22.43
CA TYR A 928 -30.12 -29.70 -22.35
C TYR A 928 -30.43 -30.40 -21.03
N PRO A 945 -35.83 -29.81 -20.40
CA PRO A 945 -34.89 -29.87 -19.27
C PRO A 945 -35.53 -29.73 -17.87
N SER A 946 -36.30 -30.72 -17.40
CA SER A 946 -36.97 -30.71 -16.10
C SER A 946 -36.66 -31.91 -15.22
N HIS A 947 -36.81 -33.14 -15.72
CA HIS A 947 -36.72 -34.33 -14.89
C HIS A 947 -35.29 -34.90 -14.97
N CYS A 948 -34.94 -35.76 -13.99
CA CYS A 948 -33.59 -36.34 -14.00
C CYS A 948 -33.47 -37.54 -13.04
N THR A 949 -32.94 -38.65 -13.56
CA THR A 949 -32.70 -39.90 -12.83
C THR A 949 -31.21 -40.24 -12.88
N ILE A 950 -30.64 -40.58 -11.72
CA ILE A 950 -29.20 -40.48 -11.49
C ILE A 950 -28.64 -41.81 -11.01
N TYR A 951 -27.86 -42.47 -11.86
CA TYR A 951 -27.37 -43.82 -11.58
C TYR A 951 -26.05 -43.74 -10.82
N VAL A 952 -26.06 -44.07 -9.53
CA VAL A 952 -24.84 -44.18 -8.74
C VAL A 952 -24.35 -45.63 -8.82
N ALA A 953 -23.26 -45.87 -9.56
CA ALA A 953 -22.99 -47.21 -10.06
C ALA A 953 -22.92 -48.26 -8.94
N LYS A 954 -23.32 -49.48 -9.32
CA LYS A 954 -23.76 -50.51 -8.38
C LYS A 954 -22.64 -51.01 -7.49
N ASN A 955 -21.58 -51.51 -8.10
CA ASN A 955 -20.46 -51.90 -7.25
C ASN A 955 -19.14 -51.97 -8.00
N TYR A 956 -18.11 -52.28 -7.21
CA TYR A 956 -16.74 -52.55 -7.64
C TYR A 956 -16.80 -53.51 -8.81
N PRO A 957 -16.54 -53.05 -10.03
CA PRO A 957 -16.55 -53.97 -11.15
C PRO A 957 -15.31 -54.86 -11.11
N PRO A 958 -15.35 -56.03 -11.73
CA PRO A 958 -14.16 -56.90 -11.74
C PRO A 958 -12.93 -56.25 -12.32
N TRP A 959 -13.07 -55.09 -12.97
CA TRP A 959 -11.95 -54.35 -13.53
C TRP A 959 -11.61 -53.08 -12.77
N GLN A 960 -12.53 -52.67 -11.87
CA GLN A 960 -12.43 -51.43 -11.05
C GLN A 960 -11.98 -51.77 -9.62
N HIS A 961 -12.58 -52.80 -9.00
CA HIS A 961 -12.18 -53.23 -7.64
C HIS A 961 -10.66 -53.42 -7.64
N THR A 962 -10.28 -54.29 -8.57
CA THR A 962 -8.95 -54.79 -8.93
C THR A 962 -7.99 -53.63 -9.11
N THR A 963 -8.36 -52.58 -9.85
CA THR A 963 -7.44 -51.43 -10.00
C THR A 963 -7.09 -50.94 -8.61
N LEU A 964 -8.15 -50.55 -7.88
CA LEU A 964 -7.98 -50.07 -6.49
C LEU A 964 -7.24 -51.16 -5.72
N SER A 965 -7.69 -52.41 -5.79
CA SER A 965 -7.04 -53.54 -5.08
C SER A 965 -5.51 -53.55 -5.27
N VAL A 966 -5.03 -53.64 -6.51
CA VAL A 966 -3.56 -53.79 -6.78
C VAL A 966 -2.81 -52.51 -6.41
N LEU A 967 -3.44 -51.37 -6.68
CA LEU A 967 -2.72 -50.11 -6.37
C LEU A 967 -2.66 -49.96 -4.85
N ARG A 968 -3.72 -50.39 -4.14
CA ARG A 968 -3.79 -50.37 -2.67
C ARG A 968 -2.61 -51.21 -2.19
N LYS A 969 -2.45 -52.41 -2.76
CA LYS A 969 -1.31 -53.29 -2.40
C LYS A 969 0.00 -52.49 -2.50
N HIS A 970 0.34 -51.95 -3.68
CA HIS A 970 1.65 -51.26 -3.74
C HIS A 970 1.72 -50.08 -2.76
N PHE A 971 0.65 -49.32 -2.67
CA PHE A 971 0.64 -48.11 -1.81
C PHE A 971 1.02 -48.52 -0.38
N GLU A 972 0.31 -49.51 0.15
CA GLU A 972 0.50 -49.89 1.58
C GLU A 972 1.87 -50.57 1.74
N ALA A 973 2.79 -50.29 0.82
CA ALA A 973 4.13 -50.86 0.90
C ALA A 973 5.21 -49.97 0.27
N ASN A 974 5.02 -48.63 0.21
CA ASN A 974 5.98 -47.84 -0.55
C ASN A 974 6.31 -46.43 -0.02
N ASN A 975 5.88 -46.06 1.19
CA ASN A 975 6.35 -44.82 1.85
C ASN A 975 6.14 -43.56 0.99
N GLY A 976 4.87 -43.26 0.70
CA GLY A 976 4.48 -41.95 0.16
C GLY A 976 5.06 -41.55 -1.18
N LYS A 977 5.19 -42.51 -2.10
CA LYS A 977 5.71 -42.25 -3.45
C LYS A 977 5.34 -43.46 -4.30
N LEU A 978 4.81 -43.21 -5.49
CA LEU A 978 4.11 -44.21 -6.29
C LEU A 978 4.92 -44.62 -7.53
N PRO A 979 4.65 -45.85 -8.08
CA PRO A 979 5.56 -46.46 -9.07
C PRO A 979 5.49 -45.92 -10.49
N ASP A 980 6.14 -46.67 -11.39
CA ASP A 980 6.48 -46.19 -12.73
C ASP A 980 5.26 -45.72 -13.52
N ASN A 981 5.52 -44.85 -14.50
CA ASN A 981 4.52 -44.33 -15.43
C ASN A 981 4.40 -45.19 -16.69
N LYS A 982 5.28 -46.19 -16.78
CA LYS A 982 5.37 -47.27 -17.80
C LYS A 982 5.35 -48.62 -17.07
N VAL A 983 5.52 -48.54 -15.74
CA VAL A 983 5.27 -49.64 -14.78
C VAL A 983 3.75 -49.82 -14.91
N ILE A 984 3.01 -48.69 -14.94
CA ILE A 984 1.58 -48.58 -15.33
C ILE A 984 1.35 -49.58 -16.46
N ALA A 985 1.94 -49.35 -17.63
CA ALA A 985 1.72 -50.26 -18.79
C ALA A 985 2.00 -51.73 -18.44
N SER A 986 3.18 -52.02 -17.89
CA SER A 986 3.53 -53.45 -17.61
C SER A 986 2.63 -54.12 -16.55
N GLU A 987 2.07 -53.34 -15.64
CA GLU A 987 1.20 -53.82 -14.54
C GLU A 987 -0.27 -53.71 -14.95
N LEU A 988 -0.70 -52.60 -15.57
CA LEU A 988 -2.09 -52.54 -15.98
C LEU A 988 -2.32 -53.34 -17.26
N GLY A 989 -1.32 -53.40 -18.13
CA GLY A 989 -1.36 -54.22 -19.33
C GLY A 989 -1.33 -55.71 -19.06
N SER A 990 -0.31 -56.17 -18.33
CA SER A 990 -0.13 -57.60 -18.01
C SER A 990 -1.13 -58.02 -16.95
N MET A 991 -2.44 -58.01 -17.33
CA MET A 991 -3.53 -58.47 -16.47
C MET A 991 -4.65 -59.04 -17.35
N PRO A 992 -4.88 -60.37 -17.35
CA PRO A 992 -6.05 -60.89 -18.09
C PRO A 992 -7.36 -60.44 -17.50
N GLU A 993 -7.36 -60.00 -16.24
CA GLU A 993 -8.49 -59.29 -15.67
C GLU A 993 -8.73 -57.96 -16.38
N LEU A 994 -7.74 -57.47 -17.15
CA LEU A 994 -7.75 -56.18 -17.83
C LEU A 994 -7.54 -56.36 -19.34
N LYS A 995 -8.20 -57.36 -19.94
CA LYS A 995 -7.97 -57.71 -21.35
C LYS A 995 -8.75 -56.81 -22.31
N LYS A 996 -9.90 -56.26 -21.91
CA LYS A 996 -10.55 -55.22 -22.73
C LYS A 996 -11.18 -54.14 -21.87
N TYR A 997 -10.51 -53.72 -20.79
CA TYR A 997 -10.94 -52.52 -20.08
C TYR A 997 -9.78 -51.73 -19.48
N MET A 998 -8.53 -52.03 -19.86
CA MET A 998 -7.43 -51.18 -19.43
C MET A 998 -7.54 -49.79 -20.02
N LYS A 999 -8.27 -49.63 -21.11
CA LYS A 999 -8.52 -48.31 -21.69
C LYS A 999 -9.50 -47.48 -20.86
N LYS A 1000 -9.95 -48.00 -19.71
CA LYS A 1000 -10.62 -47.18 -18.70
C LYS A 1000 -9.99 -47.34 -17.31
N VAL A 1001 -8.83 -47.99 -17.24
CA VAL A 1001 -8.03 -48.02 -16.02
C VAL A 1001 -6.78 -47.14 -16.13
N MET A 1002 -6.20 -47.00 -17.34
CA MET A 1002 -5.06 -46.12 -17.59
C MET A 1002 -5.51 -44.67 -17.77
N PRO A 1003 -6.61 -44.39 -18.50
CA PRO A 1003 -7.21 -43.04 -18.43
C PRO A 1003 -7.74 -42.69 -17.05
N PHE A 1004 -8.04 -43.69 -16.21
CA PHE A 1004 -8.42 -43.47 -14.82
C PHE A 1004 -7.41 -44.06 -13.83
N VAL A 1005 -6.18 -44.35 -14.28
CA VAL A 1005 -5.02 -44.36 -13.39
C VAL A 1005 -4.46 -42.95 -13.27
N ALA A 1006 -4.98 -42.02 -14.08
CA ALA A 1006 -4.84 -40.59 -13.87
C ALA A 1006 -6.02 -40.01 -13.08
N MET A 1007 -7.02 -40.83 -12.76
CA MET A 1007 -8.04 -40.49 -11.75
C MET A 1007 -7.50 -40.63 -10.33
N ILE A 1008 -6.30 -41.16 -10.16
CA ILE A 1008 -5.68 -41.29 -8.84
C ILE A 1008 -4.47 -40.35 -8.65
N LYS A 1009 -3.82 -39.87 -9.71
CA LYS A 1009 -2.74 -38.90 -9.59
C LYS A 1009 -3.19 -37.48 -9.91
N GLU A 1010 -4.49 -37.25 -10.10
CA GLU A 1010 -5.08 -35.92 -10.30
C GLU A 1010 -5.89 -35.45 -9.11
N ASN A 1011 -6.81 -36.29 -8.61
CA ASN A 1011 -7.77 -35.90 -7.57
C ASN A 1011 -7.51 -36.62 -6.25
N LEU A 1012 -6.26 -36.96 -5.95
CA LEU A 1012 -6.07 -37.61 -4.63
C LEU A 1012 -5.51 -36.55 -3.68
N GLU A 1013 -4.71 -35.63 -4.21
CA GLU A 1013 -4.25 -34.56 -3.28
C GLU A 1013 -5.47 -33.72 -2.89
N LYS A 1014 -6.50 -33.75 -3.74
CA LYS A 1014 -7.77 -33.02 -3.51
C LYS A 1014 -8.30 -33.37 -2.11
N MET A 1015 -8.12 -34.62 -1.65
CA MET A 1015 -8.64 -34.91 -0.31
C MET A 1015 -7.61 -35.46 0.66
N GLY A 1016 -6.66 -36.26 0.16
CA GLY A 1016 -5.79 -37.06 1.00
C GLY A 1016 -5.84 -38.52 0.59
N PRO A 1017 -5.34 -39.46 1.43
CA PRO A 1017 -5.41 -40.88 1.05
C PRO A 1017 -6.84 -41.42 1.05
N ARG A 1018 -7.73 -40.79 0.27
CA ARG A 1018 -9.17 -41.02 0.36
C ARG A 1018 -9.72 -41.92 -0.74
N ILE A 1019 -9.55 -41.56 -2.02
CA ILE A 1019 -10.23 -42.31 -3.08
C ILE A 1019 -9.63 -43.71 -3.28
N LEU A 1020 -8.49 -44.02 -2.65
CA LEU A 1020 -7.94 -45.37 -2.71
C LEU A 1020 -8.45 -46.27 -1.58
N ASP A 1021 -8.67 -45.72 -0.37
CA ASP A 1021 -9.09 -46.55 0.76
C ASP A 1021 -10.50 -47.07 0.52
N LEU A 1022 -10.58 -48.30 -0.01
CA LEU A 1022 -11.73 -48.83 -0.76
C LEU A 1022 -13.09 -48.40 -0.24
N GLN A 1023 -13.31 -48.52 1.08
CA GLN A 1023 -14.66 -48.65 1.63
C GLN A 1023 -15.47 -47.35 1.66
N LEU A 1024 -14.83 -46.18 1.50
CA LEU A 1024 -15.53 -44.94 1.16
C LEU A 1024 -16.66 -44.59 2.13
N GLU A 1025 -16.29 -43.99 3.26
CA GLU A 1025 -17.02 -43.97 4.53
C GLU A 1025 -18.45 -43.45 4.47
N PHE A 1026 -19.00 -43.21 3.29
CA PHE A 1026 -20.41 -42.85 3.27
C PHE A 1026 -21.11 -43.37 2.01
N ASP A 1027 -22.26 -44.04 2.24
CA ASP A 1027 -23.21 -44.37 1.18
C ASP A 1027 -23.60 -43.09 0.45
N GLU A 1028 -23.26 -43.05 -0.84
CA GLU A 1028 -23.62 -41.90 -1.65
C GLU A 1028 -25.09 -41.94 -2.01
N LYS A 1029 -25.60 -43.10 -2.42
CA LYS A 1029 -26.99 -43.18 -2.87
C LYS A 1029 -27.90 -42.47 -1.89
N ALA A 1030 -27.57 -42.54 -0.61
CA ALA A 1030 -28.50 -42.18 0.45
C ALA A 1030 -28.21 -40.83 1.09
N VAL A 1031 -27.01 -40.28 0.94
CA VAL A 1031 -26.78 -38.87 1.27
C VAL A 1031 -27.39 -37.96 0.22
N LEU A 1032 -27.81 -38.50 -0.90
CA LEU A 1032 -28.85 -37.89 -1.68
C LEU A 1032 -30.13 -38.51 -1.14
N MET A 1033 -31.24 -38.46 -1.88
CA MET A 1033 -32.46 -39.18 -1.46
C MET A 1033 -32.92 -38.68 -0.10
N GLU A 1034 -32.15 -37.76 0.44
CA GLU A 1034 -32.21 -36.93 1.62
C GLU A 1034 -32.01 -35.48 1.25
N ASN A 1035 -31.07 -35.21 0.34
CA ASN A 1035 -30.77 -33.86 -0.07
C ASN A 1035 -31.73 -33.37 -1.14
N ILE A 1036 -32.54 -34.27 -1.71
CA ILE A 1036 -33.23 -33.90 -2.94
C ILE A 1036 -34.16 -32.71 -2.73
N VAL A 1037 -34.63 -32.45 -1.50
CA VAL A 1037 -35.45 -31.28 -1.29
C VAL A 1037 -34.65 -30.02 -1.58
N TYR A 1038 -33.52 -29.85 -0.88
CA TYR A 1038 -32.62 -28.75 -1.20
C TYR A 1038 -32.08 -28.87 -2.61
N LEU A 1039 -31.93 -30.08 -3.14
CA LEU A 1039 -31.40 -30.23 -4.49
C LEU A 1039 -32.46 -30.15 -5.58
N THR A 1040 -33.75 -30.32 -5.21
CA THR A 1040 -34.85 -29.87 -6.06
C THR A 1040 -34.77 -28.35 -6.25
N ASN A 1041 -34.41 -27.64 -5.18
CA ASN A 1041 -33.88 -26.29 -5.29
C ASN A 1041 -32.44 -26.34 -5.82
N SER A 1042 -31.87 -25.17 -6.03
CA SER A 1042 -30.46 -25.05 -6.35
C SER A 1042 -30.13 -25.72 -7.69
N LEU A 1043 -31.11 -26.41 -8.25
CA LEU A 1043 -31.11 -26.87 -9.64
C LEU A 1043 -32.46 -26.63 -10.29
N GLU A 1044 -33.46 -26.19 -9.53
CA GLU A 1044 -34.77 -25.73 -9.98
C GLU A 1044 -35.53 -26.78 -10.79
N LEU A 1045 -35.04 -28.01 -10.83
CA LEU A 1045 -35.86 -29.04 -11.41
C LEU A 1045 -37.01 -29.39 -10.45
N GLU A 1046 -37.92 -30.24 -10.94
CA GLU A 1046 -39.10 -30.63 -10.17
C GLU A 1046 -38.87 -31.89 -9.34
N HIS A 1047 -38.56 -33.00 -10.01
CA HIS A 1047 -38.29 -34.26 -9.33
C HIS A 1047 -36.89 -34.72 -9.73
N ILE A 1048 -36.21 -35.38 -8.80
CA ILE A 1048 -34.88 -35.87 -9.04
C ILE A 1048 -34.74 -37.20 -8.32
N GLU A 1049 -34.91 -38.30 -9.06
CA GLU A 1049 -34.87 -39.64 -8.48
C GLU A 1049 -33.45 -40.19 -8.63
N VAL A 1050 -33.24 -41.43 -8.19
CA VAL A 1050 -31.91 -42.03 -8.24
C VAL A 1050 -31.99 -43.55 -8.32
N LYS A 1051 -31.55 -44.13 -9.45
CA LYS A 1051 -31.52 -45.56 -9.68
C LYS A 1051 -30.13 -46.11 -9.40
N PHE A 1052 -30.06 -47.41 -9.08
CA PHE A 1052 -28.77 -47.93 -8.65
C PHE A 1052 -27.80 -48.15 -9.81
N ALA A 1053 -28.17 -47.82 -11.03
CA ALA A 1053 -27.34 -48.36 -12.14
C ALA A 1053 -27.32 -49.89 -11.94
N SER A 1054 -28.54 -50.37 -11.84
CA SER A 1054 -29.03 -51.77 -11.74
C SER A 1054 -30.21 -51.83 -12.74
N GLU A 1055 -30.91 -50.69 -12.85
CA GLU A 1055 -32.00 -50.41 -13.81
C GLU A 1055 -31.45 -49.37 -14.79
N ALA A 1056 -30.13 -49.09 -14.76
CA ALA A 1056 -29.58 -48.15 -15.72
C ALA A 1056 -29.38 -48.82 -17.07
N GLU A 1057 -29.06 -47.99 -18.08
CA GLU A 1057 -28.84 -48.44 -19.45
C GLU A 1057 -27.53 -49.19 -19.63
N ASP A 1058 -26.76 -49.41 -18.55
CA ASP A 1058 -25.52 -50.19 -18.55
C ASP A 1058 -24.42 -49.50 -19.36
N LYS A 1059 -24.74 -48.42 -20.06
CA LYS A 1059 -23.71 -47.43 -20.41
C LYS A 1059 -23.32 -46.62 -19.18
N ILE A 1060 -24.08 -46.75 -18.09
CA ILE A 1060 -23.80 -46.09 -16.82
C ILE A 1060 -23.87 -47.05 -15.64
N ARG A 1061 -24.13 -48.34 -15.89
CA ARG A 1061 -23.75 -49.40 -14.96
C ARG A 1061 -22.64 -50.21 -15.63
N GLU A 1062 -21.47 -50.28 -14.97
CA GLU A 1062 -20.16 -50.72 -15.48
C GLU A 1062 -19.39 -49.63 -16.22
N ASP A 1063 -19.72 -48.34 -16.01
CA ASP A 1063 -18.91 -47.20 -16.47
C ASP A 1063 -18.67 -46.14 -15.39
N CYS A 1064 -19.64 -45.91 -14.51
CA CYS A 1064 -19.63 -44.76 -13.60
C CYS A 1064 -18.68 -44.97 -12.42
N CYS A 1065 -17.82 -43.98 -12.17
CA CYS A 1065 -16.88 -44.01 -11.06
C CYS A 1065 -17.54 -43.40 -9.82
N PRO A 1066 -17.72 -44.14 -8.72
CA PRO A 1066 -18.26 -43.53 -7.50
C PRO A 1066 -17.40 -42.35 -7.07
N GLY A 1067 -18.00 -41.16 -7.11
CA GLY A 1067 -17.29 -39.89 -7.12
C GLY A 1067 -17.54 -39.09 -8.37
N LYS A 1068 -18.08 -39.73 -9.41
CA LYS A 1068 -18.58 -39.04 -10.61
C LYS A 1068 -19.91 -39.69 -10.98
N PRO A 1069 -20.98 -39.39 -10.24
CA PRO A 1069 -22.27 -40.03 -10.51
C PRO A 1069 -22.87 -39.52 -11.82
N LEU A 1070 -23.18 -40.44 -12.71
CA LEU A 1070 -23.68 -40.10 -14.04
C LEU A 1070 -25.20 -40.05 -14.04
N ASN A 1071 -25.73 -39.36 -15.06
CA ASN A 1071 -27.04 -38.74 -14.97
C ASN A 1071 -27.52 -38.38 -16.38
N VAL A 1072 -28.67 -38.91 -16.79
CA VAL A 1072 -29.22 -38.67 -18.12
C VAL A 1072 -30.69 -38.31 -17.98
N PHE A 1073 -31.10 -37.22 -18.65
CA PHE A 1073 -32.47 -36.69 -18.63
C PHE A 1073 -33.50 -37.62 -19.25
#